data_3UP6
#
_entry.id   3UP6
#
_cell.length_a   78.043
_cell.length_b   91.138
_cell.length_c   106.356
_cell.angle_alpha   90.000
_cell.angle_beta   90.000
_cell.angle_gamma   90.000
#
_symmetry.space_group_name_H-M   'P 21 21 21'
#
loop_
_entity.id
_entity.type
_entity.pdbx_description
1 polymer 'hypothetical protein BACOVA_04078'
2 water water
#
_entity_poly.entity_id   1
_entity_poly.type   'polypeptide(L)'
_entity_poly.pdbx_seq_one_letter_code
;GDVAYELPAHTTRAQLSIDLVNNGDVEQQEKINS(MSE)RFIVFGSTPGGVRLDVNEHILLSTPETATDIDAQLLEVTSS
NDILVVVIANEPQSLTSQLDGIANLLTLQE(MSE)IYDISSILNSDGQIISATG(MSE)P(MSE)TGVIRDISIAPDETK
TVQ(MSE)VIERAVARVDVFIEAIDGGAVTGYTAGSTSVTLHNFSHDSYFV(MSE)GNVGNGTRDNADSSKNYGKVKEDV
SESNLLTHSWTAATTETWAYSSAPGAENRKLLCSFYTAERLFKSDYSDRLSIS(MSE)ANVLKGPSDVTGITGKVIESVT
KVDGTGSPTAQPFTEIRRNNVYQVTARVGKIGIQILTISVEDWGERQDIDLD(MSE)DL
;
_entity_poly.pdbx_strand_id   A,B
#
# COMPACT_ATOMS: atom_id res chain seq x y z
N THR A 12 33.43 -7.44 7.61
CA THR A 12 33.85 -6.24 6.88
C THR A 12 32.69 -5.74 5.97
N ARG A 13 32.23 -6.58 5.01
CA ARG A 13 31.15 -6.27 4.05
C ARG A 13 29.81 -6.91 4.41
N ALA A 14 28.72 -6.35 3.85
CA ALA A 14 27.34 -6.80 3.99
C ALA A 14 26.58 -6.56 2.70
N GLN A 15 25.43 -7.23 2.54
CA GLN A 15 24.59 -7.10 1.34
C GLN A 15 23.27 -6.49 1.71
N LEU A 16 22.93 -5.38 1.05
CA LEU A 16 21.69 -4.66 1.29
C LEU A 16 20.83 -4.69 0.03
N SER A 17 19.63 -5.30 0.11
CA SER A 17 18.70 -5.39 -1.01
C SER A 17 17.64 -4.30 -0.90
N ILE A 18 17.65 -3.36 -1.85
CA ILE A 18 16.68 -2.27 -1.87
C ILE A 18 15.49 -2.70 -2.72
N ASP A 19 14.29 -2.76 -2.12
CA ASP A 19 13.08 -3.10 -2.84
C ASP A 19 12.15 -1.88 -2.88
N LEU A 20 12.06 -1.21 -4.05
CA LEU A 20 11.19 -0.05 -4.25
C LEU A 20 9.72 -0.49 -4.25
N VAL A 21 8.82 0.29 -3.61
CA VAL A 21 7.38 -0.02 -3.49
C VAL A 21 6.53 1.22 -3.82
N ASN A 22 5.31 0.99 -4.33
CA ASN A 22 4.38 2.07 -4.64
C ASN A 22 3.13 1.94 -3.73
N ASN A 23 2.48 0.74 -3.74
CA ASN A 23 1.29 0.37 -2.98
C ASN A 23 0.25 1.51 -2.96
N VAL A 26 -0.72 2.35 -8.96
CA VAL A 26 -0.35 0.95 -9.16
C VAL A 26 -0.16 0.69 -10.70
N GLU A 27 -0.93 1.42 -11.54
CA GLU A 27 -0.90 1.34 -13.01
C GLU A 27 -0.43 2.69 -13.64
N GLN A 28 -0.54 3.80 -12.89
CA GLN A 28 -0.14 5.13 -13.35
C GLN A 28 1.31 5.48 -12.86
N GLN A 29 2.02 4.48 -12.22
CA GLN A 29 3.41 4.66 -11.77
C GLN A 29 4.32 4.72 -13.01
N GLU A 30 5.27 5.66 -12.96
CA GLU A 30 6.24 6.07 -13.99
C GLU A 30 7.26 4.99 -14.34
N LYS A 31 7.62 4.92 -15.65
CA LYS A 31 8.65 4.02 -16.17
C LYS A 31 10.01 4.53 -15.75
N ILE A 32 10.92 3.61 -15.37
CA ILE A 32 12.27 3.96 -14.91
C ILE A 32 13.26 3.51 -15.99
N ASN A 33 14.12 4.45 -16.45
CA ASN A 33 15.16 4.28 -17.49
C ASN A 33 16.53 4.21 -16.85
N SER A 34 16.69 4.94 -15.73
CA SER A 34 17.91 5.15 -14.94
C SER A 34 17.64 4.97 -13.47
N MSE A 35 18.60 4.35 -12.78
CA MSE A 35 18.62 4.08 -11.35
C MSE A 35 19.93 4.47 -10.76
O MSE A 35 20.97 4.19 -11.35
CB MSE A 35 18.36 2.57 -11.09
CG MSE A 35 16.93 2.15 -11.42
SE MSE A 35 15.78 2.62 -9.91
CE MSE A 35 15.91 0.85 -9.11
N ARG A 36 19.92 5.13 -9.60
CA ARG A 36 21.14 5.52 -8.90
C ARG A 36 20.98 5.26 -7.41
N PHE A 37 21.89 4.45 -6.86
CA PHE A 37 21.91 4.12 -5.45
C PHE A 37 23.14 4.75 -4.80
N ILE A 38 22.91 5.78 -3.97
CA ILE A 38 23.92 6.50 -3.20
C ILE A 38 23.73 6.11 -1.73
N VAL A 39 24.69 5.29 -1.18
CA VAL A 39 24.73 4.79 0.20
C VAL A 39 25.79 5.57 0.99
N PHE A 40 25.41 6.08 2.17
CA PHE A 40 26.29 6.72 3.16
C PHE A 40 26.25 5.96 4.45
N GLY A 41 27.39 5.85 5.13
CA GLY A 41 27.46 5.13 6.39
C GLY A 41 28.44 5.69 7.40
N SER A 42 28.16 5.44 8.68
CA SER A 42 29.02 5.85 9.76
C SER A 42 30.08 4.81 9.98
N THR A 43 31.35 5.22 9.85
CA THR A 43 32.53 4.38 10.01
C THR A 43 33.21 4.75 11.35
N PRO A 44 34.28 4.06 11.84
CA PRO A 44 34.93 4.51 13.08
C PRO A 44 35.57 5.89 12.90
N GLY A 45 36.09 6.16 11.71
CA GLY A 45 36.69 7.43 11.34
C GLY A 45 35.69 8.55 11.13
N GLY A 46 34.44 8.19 10.81
CA GLY A 46 33.37 9.14 10.57
C GLY A 46 32.50 8.83 9.36
N VAL A 47 31.60 9.75 9.02
CA VAL A 47 30.67 9.61 7.90
C VAL A 47 31.47 9.59 6.59
N ARG A 48 31.18 8.58 5.75
CA ARG A 48 31.85 8.34 4.48
C ARG A 48 30.85 7.84 3.42
N LEU A 49 31.09 8.20 2.14
CA LEU A 49 30.31 7.69 1.03
C LEU A 49 30.71 6.26 0.81
N ASP A 50 29.78 5.33 0.88
CA ASP A 50 30.07 3.92 0.74
C ASP A 50 29.89 3.45 -0.72
N VAL A 51 28.68 3.62 -1.28
CA VAL A 51 28.31 3.22 -2.64
C VAL A 51 27.68 4.41 -3.37
N ASN A 52 28.01 4.53 -4.67
CA ASN A 52 27.49 5.44 -5.70
C ASN A 52 27.49 4.66 -6.99
N GLU A 53 26.32 4.11 -7.33
CA GLU A 53 26.12 3.20 -8.46
C GLU A 53 25.00 3.72 -9.34
N HIS A 54 25.29 3.84 -10.65
CA HIS A 54 24.36 4.29 -11.68
C HIS A 54 24.07 3.13 -12.65
N ILE A 55 22.84 2.64 -12.64
CA ILE A 55 22.36 1.52 -13.46
C ILE A 55 21.45 2.09 -14.56
N LEU A 56 21.71 1.70 -15.78
CA LEU A 56 20.90 2.13 -16.93
C LEU A 56 20.15 0.94 -17.48
N LEU A 57 18.81 1.06 -17.56
CA LEU A 57 17.89 0.01 -17.96
C LEU A 57 17.54 0.08 -19.45
N SER A 58 17.80 -1.02 -20.15
CA SER A 58 17.52 -1.23 -21.57
C SER A 58 16.03 -1.31 -21.78
N THR A 59 15.34 -2.06 -20.89
CA THR A 59 13.88 -2.18 -20.90
C THR A 59 13.40 -1.36 -19.72
N PRO A 60 12.82 -0.16 -19.99
CA PRO A 60 12.30 0.66 -18.90
C PRO A 60 11.13 -0.05 -18.21
N GLU A 61 11.18 -0.10 -16.87
CA GLU A 61 10.20 -0.79 -16.03
C GLU A 61 9.75 0.08 -14.87
N THR A 62 8.60 -0.23 -14.25
CA THR A 62 8.13 0.57 -13.12
C THR A 62 8.73 0.00 -11.82
N ALA A 63 8.63 0.79 -10.74
CA ALA A 63 9.16 0.46 -9.41
C ALA A 63 8.71 -0.96 -8.93
N THR A 64 7.45 -1.37 -9.21
CA THR A 64 6.93 -2.70 -8.85
C THR A 64 7.57 -3.79 -9.72
N ASP A 65 7.81 -3.51 -11.04
CA ASP A 65 8.45 -4.45 -11.97
C ASP A 65 9.96 -4.59 -11.70
N ILE A 66 10.58 -3.64 -10.98
CA ILE A 66 12.02 -3.69 -10.66
C ILE A 66 12.21 -4.68 -9.50
N ASP A 67 13.12 -5.66 -9.72
CA ASP A 67 13.54 -6.64 -8.71
C ASP A 67 14.34 -5.95 -7.64
N ALA A 68 14.45 -6.54 -6.44
CA ALA A 68 15.27 -5.99 -5.37
C ALA A 68 16.71 -5.83 -5.85
N GLN A 69 17.28 -4.64 -5.64
CA GLN A 69 18.62 -4.33 -6.09
C GLN A 69 19.62 -4.64 -4.98
N LEU A 70 20.49 -5.62 -5.21
CA LEU A 70 21.49 -6.00 -4.22
C LEU A 70 22.68 -5.03 -4.31
N LEU A 71 23.03 -4.44 -3.16
CA LEU A 71 24.14 -3.50 -3.01
C LEU A 71 25.14 -4.00 -1.98
N GLU A 72 26.42 -4.10 -2.36
CA GLU A 72 27.45 -4.54 -1.43
C GLU A 72 27.90 -3.33 -0.61
N VAL A 73 27.61 -3.36 0.70
CA VAL A 73 27.91 -2.21 1.56
C VAL A 73 28.86 -2.62 2.70
N THR A 74 29.44 -1.60 3.35
CA THR A 74 30.29 -1.71 4.51
C THR A 74 29.35 -1.75 5.72
N SER A 75 29.52 -2.75 6.60
CA SER A 75 28.69 -2.90 7.79
C SER A 75 28.84 -1.65 8.66
N SER A 76 27.71 -1.09 9.07
CA SER A 76 27.62 0.13 9.87
C SER A 76 26.38 0.10 10.72
N ASN A 77 26.39 0.82 11.84
CA ASN A 77 25.24 0.90 12.73
C ASN A 77 24.28 1.95 12.20
N ASP A 78 24.78 2.88 11.35
CA ASP A 78 23.91 3.93 10.81
C ASP A 78 24.26 4.17 9.34
N ILE A 79 23.34 3.78 8.47
CA ILE A 79 23.42 3.86 7.00
C ILE A 79 22.22 4.66 6.45
N LEU A 80 22.48 5.53 5.47
CA LEU A 80 21.49 6.35 4.76
C LEU A 80 21.57 6.03 3.25
N VAL A 81 20.43 5.71 2.64
CA VAL A 81 20.41 5.35 1.23
C VAL A 81 19.53 6.34 0.50
N VAL A 82 20.08 6.92 -0.56
CA VAL A 82 19.41 7.82 -1.47
C VAL A 82 19.17 7.06 -2.82
N VAL A 83 17.91 7.02 -3.28
CA VAL A 83 17.59 6.40 -4.58
C VAL A 83 17.12 7.52 -5.53
N ILE A 84 17.65 7.52 -6.74
CA ILE A 84 17.32 8.51 -7.76
C ILE A 84 16.96 7.79 -9.07
N ALA A 85 15.73 7.96 -9.50
CA ALA A 85 15.26 7.41 -10.74
C ALA A 85 15.18 8.48 -11.78
N ASN A 86 15.52 8.17 -13.04
CA ASN A 86 15.39 9.06 -14.18
C ASN A 86 16.00 10.47 -13.90
N GLU A 87 17.23 10.48 -13.36
CA GLU A 87 17.98 11.70 -13.10
C GLU A 87 18.18 12.50 -14.39
N PRO A 88 18.02 13.84 -14.36
CA PRO A 88 18.28 14.63 -15.58
C PRO A 88 19.74 14.55 -15.99
N GLN A 89 20.05 14.44 -17.29
CA GLN A 89 21.43 14.38 -17.76
C GLN A 89 22.29 15.54 -17.18
N SER A 90 21.66 16.70 -16.89
CA SER A 90 22.34 17.89 -16.37
C SER A 90 22.97 17.64 -14.97
N LEU A 91 22.51 16.63 -14.21
CA LEU A 91 23.05 16.40 -12.87
C LEU A 91 23.98 15.19 -12.79
N THR A 92 24.04 14.36 -13.83
CA THR A 92 24.85 13.14 -13.82
C THR A 92 26.34 13.45 -13.47
N SER A 93 26.95 14.54 -14.04
CA SER A 93 28.35 14.91 -13.76
C SER A 93 28.56 15.17 -12.25
N GLN A 94 27.58 15.89 -11.64
CA GLN A 94 27.55 16.22 -10.21
C GLN A 94 27.32 15.00 -9.34
N LEU A 95 26.34 14.15 -9.72
CA LEU A 95 25.99 12.92 -9.04
C LEU A 95 27.17 11.92 -9.08
N ASP A 96 27.82 11.74 -10.26
CA ASP A 96 28.99 10.85 -10.36
C ASP A 96 30.13 11.31 -9.42
N GLY A 97 30.24 12.62 -9.18
CA GLY A 97 31.28 13.17 -8.32
C GLY A 97 30.88 13.54 -6.90
N ILE A 98 29.71 13.08 -6.43
CA ILE A 98 29.24 13.38 -5.09
C ILE A 98 30.16 12.70 -4.08
N ALA A 99 30.46 13.41 -2.99
CA ALA A 99 31.34 12.88 -1.95
C ALA A 99 30.75 13.08 -0.58
N ASN A 100 29.91 14.12 -0.46
CA ASN A 100 29.30 14.56 0.78
C ASN A 100 27.78 14.49 0.71
N LEU A 101 27.16 14.06 1.81
CA LEU A 101 25.74 13.94 1.99
C LEU A 101 25.02 15.30 2.01
N LEU A 102 25.62 16.31 2.68
CA LEU A 102 24.98 17.60 2.77
C LEU A 102 25.15 18.39 1.47
N THR A 103 26.23 18.15 0.71
CA THR A 103 26.46 18.76 -0.60
C THR A 103 25.42 18.18 -1.58
N LEU A 104 24.99 16.92 -1.36
CA LEU A 104 23.95 16.28 -2.16
C LEU A 104 22.59 16.99 -1.89
N GLN A 105 22.28 17.23 -0.60
CA GLN A 105 21.05 17.92 -0.15
C GLN A 105 20.96 19.35 -0.75
N GLU A 106 22.13 19.98 -1.04
CA GLU A 106 22.26 21.33 -1.63
C GLU A 106 22.03 21.35 -3.15
N MSE A 107 22.07 20.19 -3.82
CA MSE A 107 21.90 20.05 -5.27
C MSE A 107 20.52 20.49 -5.71
O MSE A 107 19.48 20.03 -5.21
CB MSE A 107 22.16 18.61 -5.71
CG MSE A 107 22.32 18.47 -7.19
SE MSE A 107 22.83 16.69 -7.71
CE MSE A 107 24.56 16.58 -6.83
N ILE A 108 20.54 21.43 -6.66
CA ILE A 108 19.38 22.07 -7.27
C ILE A 108 19.35 21.74 -8.75
N TYR A 109 18.14 21.57 -9.31
CA TYR A 109 17.94 21.31 -10.73
C TYR A 109 16.82 22.18 -11.29
N ASP A 110 16.89 22.39 -12.62
CA ASP A 110 15.94 23.18 -13.39
C ASP A 110 14.98 22.23 -14.03
N ILE A 111 13.69 22.26 -13.59
CA ILE A 111 12.63 21.40 -14.11
C ILE A 111 12.49 21.59 -15.62
N SER A 112 12.86 22.76 -16.18
CA SER A 112 12.79 23.05 -17.62
C SER A 112 13.61 22.05 -18.45
N SER A 113 14.55 21.33 -17.81
CA SER A 113 15.44 20.32 -18.42
C SER A 113 14.69 19.10 -18.89
N ILE A 114 13.75 18.61 -18.07
CA ILE A 114 12.99 17.41 -18.36
C ILE A 114 11.76 17.75 -19.22
N LEU A 115 11.53 19.03 -19.53
CA LEU A 115 10.37 19.48 -20.31
C LEU A 115 10.75 19.88 -21.73
N ASN A 116 9.83 19.62 -22.69
CA ASN A 116 10.04 19.94 -24.10
C ASN A 116 9.41 21.32 -24.42
N SER A 117 9.32 21.65 -25.72
CA SER A 117 8.75 22.88 -26.27
C SER A 117 7.26 23.07 -25.88
N ASP A 118 6.47 21.97 -25.88
CA ASP A 118 5.04 22.02 -25.58
C ASP A 118 4.75 22.00 -24.03
N GLY A 119 5.80 21.95 -23.20
CA GLY A 119 5.69 21.99 -21.75
C GLY A 119 5.38 20.68 -21.05
N GLN A 120 5.62 19.55 -21.75
CA GLN A 120 5.40 18.19 -21.25
C GLN A 120 6.75 17.45 -21.08
N ILE A 121 6.77 16.42 -20.20
CA ILE A 121 7.95 15.62 -19.88
C ILE A 121 8.51 14.96 -21.15
N ILE A 122 9.83 15.02 -21.33
CA ILE A 122 10.55 14.38 -22.44
C ILE A 122 10.67 12.90 -22.07
N SER A 123 9.76 12.08 -22.61
CA SER A 123 9.61 10.63 -22.37
C SER A 123 10.96 9.87 -22.25
N ALA A 124 11.95 10.22 -23.09
CA ALA A 124 13.28 9.59 -23.16
C ALA A 124 14.06 9.70 -21.81
N THR A 125 14.15 10.89 -21.18
CA THR A 125 14.86 11.05 -19.89
C THR A 125 13.93 10.53 -18.75
N GLY A 126 12.60 10.74 -18.89
CA GLY A 126 11.58 10.35 -17.95
C GLY A 126 11.39 11.32 -16.80
N MSE A 127 10.47 10.95 -15.87
CA MSE A 127 10.08 11.68 -14.67
C MSE A 127 11.09 11.41 -13.54
O MSE A 127 11.11 10.27 -13.06
CB MSE A 127 8.67 11.23 -14.28
CG MSE A 127 8.13 11.79 -12.96
SE MSE A 127 7.71 13.69 -13.03
CE MSE A 127 8.84 14.24 -11.71
N PRO A 128 11.90 12.40 -13.07
CA PRO A 128 12.84 12.13 -11.97
C PRO A 128 12.11 11.84 -10.66
N MSE A 129 12.56 10.80 -9.96
CA MSE A 129 11.98 10.44 -8.67
C MSE A 129 13.12 10.26 -7.68
O MSE A 129 14.22 9.87 -8.03
CB MSE A 129 11.10 9.19 -8.78
CG MSE A 129 9.98 9.33 -9.79
SE MSE A 129 9.07 7.69 -10.09
CE MSE A 129 7.96 7.66 -8.49
N THR A 130 12.85 10.55 -6.43
CA THR A 130 13.81 10.52 -5.35
C THR A 130 13.18 9.94 -4.10
N GLY A 131 14.02 9.43 -3.23
CA GLY A 131 13.65 8.85 -1.95
C GLY A 131 14.89 8.65 -1.12
N VAL A 132 14.76 8.77 0.21
CA VAL A 132 15.86 8.64 1.16
C VAL A 132 15.39 7.78 2.33
N ILE A 133 16.20 6.79 2.76
CA ILE A 133 15.79 6.04 3.94
C ILE A 133 17.03 6.07 4.89
N ARG A 134 16.74 6.22 6.18
CA ARG A 134 17.75 6.45 7.23
C ARG A 134 17.72 5.39 8.31
N ASP A 135 18.76 5.36 9.17
CA ASP A 135 18.90 4.50 10.36
C ASP A 135 18.78 3.00 9.99
N ILE A 136 19.74 2.55 9.20
CA ILE A 136 19.84 1.15 8.78
C ILE A 136 21.05 0.57 9.48
N SER A 137 20.87 -0.58 10.17
CA SER A 137 21.97 -1.27 10.84
C SER A 137 22.23 -2.57 10.15
N ILE A 138 23.49 -2.85 9.81
CA ILE A 138 23.83 -4.11 9.18
C ILE A 138 25.19 -4.56 9.73
N ALA A 139 25.29 -5.86 10.04
CA ALA A 139 26.50 -6.45 10.59
C ALA A 139 27.29 -7.19 9.49
N PRO A 140 28.59 -7.51 9.68
CA PRO A 140 29.32 -8.22 8.61
C PRO A 140 28.65 -9.53 8.19
N ASP A 141 28.57 -9.74 6.85
CA ASP A 141 28.03 -10.92 6.14
C ASP A 141 26.48 -11.01 6.22
N GLU A 142 25.82 -10.06 6.92
CA GLU A 142 24.37 -10.02 7.03
C GLU A 142 23.77 -9.54 5.69
N THR A 143 22.56 -10.06 5.36
CA THR A 143 21.76 -9.69 4.19
C THR A 143 20.46 -9.11 4.72
N LYS A 144 20.15 -7.87 4.30
CA LYS A 144 18.93 -7.20 4.72
C LYS A 144 18.18 -6.66 3.53
N THR A 145 16.85 -6.82 3.56
CA THR A 145 16.01 -6.24 2.52
C THR A 145 15.40 -5.01 3.16
N VAL A 146 15.55 -3.90 2.48
CA VAL A 146 15.03 -2.61 2.87
C VAL A 146 14.05 -2.18 1.77
N GLN A 147 12.80 -2.06 2.17
CA GLN A 147 11.65 -1.71 1.36
C GLN A 147 11.48 -0.23 1.47
N MSE A 148 11.44 0.51 0.36
CA MSE A 148 11.33 1.96 0.44
C MSE A 148 10.49 2.53 -0.70
O MSE A 148 10.37 1.88 -1.71
CB MSE A 148 12.71 2.64 0.45
CG MSE A 148 13.49 2.53 -0.88
SE MSE A 148 15.18 3.52 -0.82
CE MSE A 148 16.16 2.37 0.29
N VAL A 149 9.98 3.78 -0.53
CA VAL A 149 9.18 4.50 -1.54
C VAL A 149 10.02 5.58 -2.23
N ILE A 150 9.72 5.85 -3.51
CA ILE A 150 10.32 7.00 -4.18
C ILE A 150 9.13 7.83 -4.76
N GLU A 151 9.25 9.15 -4.66
CA GLU A 151 8.27 10.13 -5.11
C GLU A 151 8.83 11.01 -6.26
N ARG A 152 7.93 11.48 -7.17
CA ARG A 152 8.22 12.37 -8.31
C ARG A 152 8.83 13.70 -7.83
N ALA A 153 9.87 14.23 -8.51
CA ALA A 153 10.60 15.44 -8.09
C ALA A 153 9.94 16.75 -8.61
N VAL A 154 8.65 16.65 -9.00
CA VAL A 154 7.88 17.78 -9.53
C VAL A 154 6.42 17.77 -8.96
N ALA A 155 5.76 18.93 -9.03
CA ALA A 155 4.36 19.18 -8.79
C ALA A 155 3.65 19.49 -10.12
N ARG A 156 2.33 19.19 -10.25
CA ARG A 156 1.59 19.49 -11.47
C ARG A 156 0.43 20.43 -11.19
N VAL A 157 0.22 21.41 -12.07
CA VAL A 157 -0.92 22.31 -11.96
C VAL A 157 -1.83 22.04 -13.17
N ASP A 158 -2.95 21.37 -12.90
CA ASP A 158 -4.00 21.06 -13.87
C ASP A 158 -5.00 22.19 -13.90
N VAL A 159 -5.50 22.52 -15.09
CA VAL A 159 -6.53 23.55 -15.25
C VAL A 159 -7.71 22.92 -15.98
N PHE A 160 -8.87 22.92 -15.33
CA PHE A 160 -10.11 22.37 -15.85
C PHE A 160 -11.19 23.42 -16.10
N ILE A 161 -12.08 23.12 -17.04
CA ILE A 161 -13.31 23.85 -17.34
C ILE A 161 -14.42 22.92 -16.91
N GLU A 162 -15.30 23.37 -16.00
CA GLU A 162 -16.36 22.47 -15.54
C GLU A 162 -17.74 23.05 -15.80
N ALA A 163 -18.58 22.25 -16.45
CA ALA A 163 -19.99 22.52 -16.68
C ALA A 163 -20.74 22.09 -15.43
N ILE A 164 -21.52 23.02 -14.86
CA ILE A 164 -22.19 22.74 -13.60
C ILE A 164 -23.71 22.84 -13.79
N ASP A 165 -24.46 22.14 -12.91
CA ASP A 165 -25.92 22.09 -12.86
C ASP A 165 -26.44 23.46 -12.54
N GLY A 166 -27.14 24.05 -13.50
CA GLY A 166 -27.69 25.39 -13.34
C GLY A 166 -26.86 26.45 -14.03
N GLY A 167 -25.70 26.04 -14.49
CA GLY A 167 -24.79 26.93 -15.21
C GLY A 167 -25.14 27.03 -16.68
N ALA A 168 -24.25 27.67 -17.42
CA ALA A 168 -24.44 27.86 -18.84
C ALA A 168 -23.69 26.81 -19.63
N VAL A 169 -24.03 26.64 -20.93
CA VAL A 169 -23.33 25.77 -21.87
C VAL A 169 -21.92 26.31 -21.95
N THR A 170 -20.91 25.45 -21.83
CA THR A 170 -19.55 25.96 -21.83
C THR A 170 -18.67 25.16 -22.82
N GLY A 171 -17.42 25.58 -22.94
CA GLY A 171 -16.43 24.97 -23.81
C GLY A 171 -15.23 25.84 -24.11
N TYR A 172 -14.38 25.35 -24.99
CA TYR A 172 -13.18 26.06 -25.40
C TYR A 172 -13.03 26.02 -26.92
N THR A 173 -12.47 27.08 -27.51
CA THR A 173 -12.26 27.19 -28.95
C THR A 173 -10.74 27.22 -29.25
N ALA A 174 -10.30 26.49 -30.30
CA ALA A 174 -8.92 26.30 -30.73
C ALA A 174 -8.11 27.62 -30.83
N GLY A 175 -8.66 28.63 -31.47
CA GLY A 175 -7.93 29.87 -31.64
C GLY A 175 -7.83 30.83 -30.47
N SER A 176 -8.94 31.05 -29.72
CA SER A 176 -8.97 32.11 -28.71
C SER A 176 -8.97 31.63 -27.22
N THR A 177 -9.59 30.50 -26.83
CA THR A 177 -9.60 30.12 -25.41
C THR A 177 -8.14 29.94 -24.91
N SER A 178 -7.75 30.66 -23.85
CA SER A 178 -6.41 30.58 -23.26
C SER A 178 -6.44 30.61 -21.73
N VAL A 179 -5.37 30.09 -21.12
CA VAL A 179 -5.20 30.06 -19.66
C VAL A 179 -3.74 30.43 -19.38
N THR A 180 -3.54 31.36 -18.45
CA THR A 180 -2.21 31.83 -18.10
C THR A 180 -2.00 31.57 -16.61
N LEU A 181 -0.92 30.88 -16.28
CA LEU A 181 -0.50 30.62 -14.92
C LEU A 181 0.64 31.56 -14.57
N HIS A 182 0.55 32.21 -13.41
CA HIS A 182 1.53 33.17 -12.91
C HIS A 182 2.20 32.65 -11.65
N ASN A 183 3.46 33.02 -11.44
CA ASN A 183 4.28 32.74 -10.26
C ASN A 183 4.54 31.24 -10.06
N PHE A 184 4.77 30.51 -11.14
CA PHE A 184 5.21 29.14 -10.95
C PHE A 184 6.75 29.19 -11.09
N SER A 185 7.46 28.12 -10.73
CA SER A 185 8.90 28.14 -10.84
C SER A 185 9.39 26.79 -11.29
N HIS A 186 10.59 26.75 -11.93
CA HIS A 186 11.19 25.49 -12.38
C HIS A 186 12.49 25.20 -11.58
N ASP A 187 12.86 26.11 -10.63
CA ASP A 187 14.01 26.03 -9.72
C ASP A 187 13.67 25.20 -8.45
N SER A 188 14.21 23.98 -8.31
CA SER A 188 13.90 23.09 -7.17
C SER A 188 15.13 22.38 -6.60
N TYR A 189 15.10 22.01 -5.28
CA TYR A 189 16.13 21.14 -4.70
C TYR A 189 15.87 19.79 -5.28
N PHE A 190 16.92 19.05 -5.62
CA PHE A 190 16.68 17.80 -6.32
C PHE A 190 16.32 16.64 -5.35
N VAL A 191 17.18 16.27 -4.41
CA VAL A 191 16.94 15.11 -3.53
C VAL A 191 15.98 15.56 -2.38
N MSE A 192 14.98 14.70 -2.05
CA MSE A 192 14.02 14.96 -0.99
C MSE A 192 13.52 13.65 -0.40
O MSE A 192 13.12 12.76 -1.15
CB MSE A 192 12.85 15.82 -1.54
CG MSE A 192 11.70 16.08 -0.55
SE MSE A 192 12.13 16.97 1.12
CE MSE A 192 12.31 18.77 0.52
N GLY A 193 13.57 13.53 0.92
CA GLY A 193 13.08 12.36 1.64
C GLY A 193 11.55 12.24 1.63
N ASN A 194 11.04 11.11 2.13
CA ASN A 194 9.61 10.80 2.13
C ASN A 194 9.07 10.49 3.50
N VAL A 195 7.80 10.84 3.72
CA VAL A 195 7.03 10.58 4.95
C VAL A 195 6.98 9.06 5.15
N GLY A 196 6.84 8.36 4.01
CA GLY A 196 6.77 6.91 3.90
C GLY A 196 8.03 6.20 4.35
N ASN A 197 9.19 6.87 4.22
CA ASN A 197 10.48 6.33 4.63
C ASN A 197 10.98 6.98 5.95
N GLY A 198 10.14 7.83 6.59
CA GLY A 198 10.42 8.50 7.85
C GLY A 198 11.49 9.58 7.78
N THR A 199 11.73 10.09 6.55
CA THR A 199 12.76 11.09 6.24
C THR A 199 12.13 12.40 5.74
N ARG A 200 10.91 12.70 6.23
CA ARG A 200 10.19 13.94 5.98
C ARG A 200 9.07 14.09 6.99
N ASP A 201 8.83 15.36 7.42
CA ASP A 201 7.82 15.79 8.40
C ASP A 201 7.97 14.91 9.68
N ASN A 202 9.22 14.60 10.03
CA ASN A 202 9.55 13.78 11.19
C ASN A 202 9.68 14.70 12.41
N ALA A 203 9.36 14.14 13.61
CA ALA A 203 9.41 14.81 14.91
C ALA A 203 10.64 15.71 15.04
N ASP A 204 11.86 15.13 14.86
CA ASP A 204 13.12 15.87 14.89
C ASP A 204 13.68 16.03 13.48
N SER A 205 13.99 17.30 13.13
CA SER A 205 14.54 17.72 11.84
C SER A 205 15.83 16.95 11.46
N SER A 206 16.49 16.34 12.46
CA SER A 206 17.72 15.55 12.31
C SER A 206 17.47 14.24 11.53
N LYS A 207 16.21 13.72 11.54
CA LYS A 207 15.79 12.49 10.85
C LYS A 207 15.19 12.82 9.48
N ASN A 208 15.04 14.12 9.16
CA ASN A 208 14.54 14.59 7.88
C ASN A 208 15.66 14.76 6.93
N TYR A 209 15.38 14.63 5.61
CA TYR A 209 16.36 14.86 4.57
C TYR A 209 15.71 15.64 3.44
N GLY A 210 16.42 16.65 2.94
CA GLY A 210 15.94 17.46 1.84
C GLY A 210 15.59 18.87 2.25
N LYS A 211 15.93 19.81 1.37
CA LYS A 211 15.64 21.23 1.53
C LYS A 211 14.53 21.62 0.58
N VAL A 212 13.76 22.67 0.93
CA VAL A 212 12.69 23.20 0.10
C VAL A 212 12.98 24.70 -0.13
N LYS A 213 12.83 25.15 -1.39
CA LYS A 213 13.08 26.51 -1.85
C LYS A 213 12.17 27.52 -1.15
N GLU A 214 12.76 28.66 -0.78
CA GLU A 214 12.11 29.79 -0.10
C GLU A 214 12.43 31.10 -0.78
N ASP A 215 11.71 32.20 -0.44
CA ASP A 215 11.89 33.58 -0.95
C ASP A 215 12.46 33.61 -2.37
N VAL A 216 11.70 33.06 -3.32
CA VAL A 216 12.08 32.95 -4.73
C VAL A 216 12.05 34.35 -5.39
N SER A 217 13.09 34.70 -6.14
CA SER A 217 13.22 35.96 -6.87
C SER A 217 12.18 36.08 -7.99
N GLU A 218 11.78 37.31 -8.32
CA GLU A 218 10.85 37.59 -9.42
C GLU A 218 11.43 37.06 -10.77
N SER A 219 12.77 36.90 -10.84
CA SER A 219 13.52 36.37 -11.98
C SER A 219 13.24 34.88 -12.17
N ASN A 220 13.05 34.16 -11.05
CA ASN A 220 12.82 32.72 -11.00
C ASN A 220 11.32 32.38 -11.12
N LEU A 221 10.43 33.38 -10.90
CA LEU A 221 8.99 33.18 -10.98
C LEU A 221 8.57 33.33 -12.43
N LEU A 222 7.94 32.29 -12.95
CA LEU A 222 7.52 32.18 -14.35
C LEU A 222 6.03 32.49 -14.59
N THR A 223 5.71 32.74 -15.86
CA THR A 223 4.38 33.04 -16.36
C THR A 223 4.26 32.40 -17.75
N HIS A 224 3.21 31.58 -17.98
CA HIS A 224 3.07 30.93 -19.28
C HIS A 224 1.61 30.80 -19.66
N SER A 225 1.32 31.22 -20.92
CA SER A 225 0.02 31.20 -21.58
C SER A 225 -0.15 29.89 -22.31
N TRP A 226 -1.36 29.37 -22.34
CA TRP A 226 -1.55 28.09 -22.99
C TRP A 226 -2.89 28.08 -23.74
N THR A 227 -2.85 28.58 -24.98
CA THR A 227 -4.03 28.68 -25.85
C THR A 227 -4.46 27.27 -26.26
N ALA A 228 -5.78 27.03 -26.33
CA ALA A 228 -6.40 25.75 -26.70
C ALA A 228 -5.97 25.30 -28.10
N ALA A 229 -5.85 23.99 -28.31
CA ALA A 229 -5.46 23.44 -29.61
C ALA A 229 -6.68 22.92 -30.36
N THR A 230 -7.56 22.26 -29.61
CA THR A 230 -8.81 21.65 -30.06
C THR A 230 -9.97 22.55 -29.64
N THR A 231 -11.17 22.21 -30.12
CA THR A 231 -12.42 22.89 -29.81
C THR A 231 -13.45 21.84 -29.41
N GLU A 232 -14.18 22.07 -28.31
CA GLU A 232 -15.30 21.23 -27.91
C GLU A 232 -16.20 22.01 -26.95
N THR A 233 -17.51 21.77 -27.08
CA THR A 233 -18.54 22.39 -26.27
C THR A 233 -19.29 21.32 -25.52
N TRP A 234 -19.70 21.60 -24.28
CA TRP A 234 -20.47 20.63 -23.51
C TRP A 234 -21.31 21.32 -22.46
N ALA A 235 -22.54 20.82 -22.28
CA ALA A 235 -23.46 21.26 -21.26
C ALA A 235 -23.49 20.27 -20.10
N TYR A 236 -23.95 20.71 -18.91
CA TYR A 236 -24.04 19.82 -17.74
C TYR A 236 -24.96 18.62 -18.04
N SER A 237 -24.54 17.42 -17.60
CA SER A 237 -25.32 16.19 -17.76
C SER A 237 -25.45 15.48 -16.42
N SER A 238 -26.65 14.96 -16.16
CA SER A 238 -27.02 14.22 -14.95
C SER A 238 -26.53 12.78 -15.04
N ALA A 239 -26.45 12.23 -16.29
CA ALA A 239 -26.05 10.87 -16.67
C ALA A 239 -24.72 10.44 -15.99
N PRO A 240 -24.50 9.13 -15.74
CA PRO A 240 -23.26 8.69 -15.07
C PRO A 240 -22.02 8.74 -15.96
N GLY A 241 -22.19 8.43 -17.26
CA GLY A 241 -21.09 8.44 -18.23
C GLY A 241 -20.48 9.79 -18.56
N ALA A 242 -21.10 10.89 -18.05
CA ALA A 242 -20.77 12.31 -18.24
C ALA A 242 -19.39 12.69 -17.68
N GLU A 243 -18.71 13.54 -18.44
CA GLU A 243 -17.41 14.14 -18.14
C GLU A 243 -17.60 15.64 -18.20
N ASN A 244 -18.20 16.22 -17.12
CA ASN A 244 -18.52 17.65 -17.02
C ASN A 244 -17.27 18.49 -16.78
N ARG A 245 -16.30 17.92 -16.04
CA ARG A 245 -15.02 18.53 -15.71
C ARG A 245 -13.96 18.02 -16.70
N LYS A 246 -13.62 18.85 -17.69
CA LYS A 246 -12.67 18.51 -18.75
C LYS A 246 -11.38 19.30 -18.56
N LEU A 247 -10.21 18.64 -18.75
CA LEU A 247 -8.88 19.25 -18.60
C LEU A 247 -8.50 20.10 -19.80
N LEU A 248 -8.13 21.36 -19.53
CA LEU A 248 -7.72 22.32 -20.57
C LEU A 248 -6.21 22.29 -20.76
N CYS A 249 -5.42 22.37 -19.67
CA CYS A 249 -3.97 22.38 -19.72
C CYS A 249 -3.36 21.94 -18.37
N SER A 250 -2.10 21.49 -18.42
CA SER A 250 -1.27 21.09 -17.27
C SER A 250 0.06 21.85 -17.27
N PHE A 251 0.48 22.31 -16.09
CA PHE A 251 1.73 23.04 -15.88
C PHE A 251 2.58 22.33 -14.83
N TYR A 252 3.90 22.32 -14.99
CA TYR A 252 4.76 21.70 -14.01
C TYR A 252 5.44 22.78 -13.19
N THR A 253 5.42 22.64 -11.85
CA THR A 253 6.06 23.65 -11.02
C THR A 253 6.92 22.96 -9.95
N ALA A 254 7.92 23.68 -9.46
CA ALA A 254 8.83 23.22 -8.44
C ALA A 254 8.20 23.29 -7.06
N GLU A 255 8.69 22.44 -6.18
CA GLU A 255 8.28 22.42 -4.81
C GLU A 255 8.91 23.59 -4.11
N ARG A 256 8.10 24.45 -3.50
CA ARG A 256 8.62 25.61 -2.78
C ARG A 256 7.63 26.10 -1.73
N LEU A 257 8.15 26.85 -0.73
CA LEU A 257 7.40 27.57 0.29
C LEU A 257 7.09 28.97 -0.20
N PHE A 258 5.83 29.43 -0.14
CA PHE A 258 5.55 30.80 -0.55
C PHE A 258 6.06 31.76 0.51
N LYS A 259 6.34 33.00 0.13
CA LYS A 259 6.84 34.04 1.04
C LYS A 259 5.81 34.33 2.15
N SER A 260 6.27 35.01 3.22
CA SER A 260 5.47 35.38 4.38
C SER A 260 4.27 36.25 3.97
N ASP A 261 4.50 37.20 3.06
CA ASP A 261 3.48 38.13 2.57
C ASP A 261 2.56 37.45 1.54
N TYR A 262 2.93 36.24 1.07
CA TYR A 262 2.23 35.41 0.07
C TYR A 262 2.10 36.14 -1.28
N SER A 263 3.05 37.06 -1.57
CA SER A 263 3.11 37.84 -2.81
C SER A 263 3.41 36.96 -4.04
N ASP A 264 4.12 35.81 -3.83
CA ASP A 264 4.49 34.88 -4.91
C ASP A 264 3.46 33.72 -5.07
N ARG A 265 2.29 33.79 -4.37
CA ARG A 265 1.25 32.76 -4.53
C ARG A 265 0.84 32.63 -5.99
N LEU A 266 0.47 31.41 -6.41
CA LEU A 266 0.05 31.16 -7.79
C LEU A 266 -1.14 32.03 -8.16
N SER A 267 -1.14 32.50 -9.40
CA SER A 267 -2.20 33.33 -9.96
C SER A 267 -2.65 32.73 -11.27
N ILE A 268 -3.92 32.89 -11.61
CA ILE A 268 -4.42 32.36 -12.87
C ILE A 268 -5.34 33.41 -13.52
N SER A 269 -5.35 33.41 -14.84
CA SER A 269 -6.21 34.23 -15.66
C SER A 269 -6.63 33.42 -16.88
N MSE A 270 -7.86 33.63 -17.37
CA MSE A 270 -8.39 32.91 -18.53
C MSE A 270 -9.09 33.87 -19.50
O MSE A 270 -9.57 34.93 -19.12
CB MSE A 270 -9.35 31.81 -18.10
CG MSE A 270 -8.70 30.79 -17.19
SE MSE A 270 -9.98 29.59 -16.50
CE MSE A 270 -8.98 28.89 -15.13
N ALA A 271 -9.09 33.49 -20.77
CA ALA A 271 -9.74 34.29 -21.80
C ALA A 271 -10.55 33.41 -22.75
N ASN A 272 -11.71 33.93 -23.18
CA ASN A 272 -12.61 33.37 -24.19
C ASN A 272 -13.03 31.92 -23.85
N VAL A 273 -13.38 31.69 -22.57
CA VAL A 273 -14.02 30.46 -22.11
C VAL A 273 -15.48 30.63 -22.50
N LEU A 274 -16.04 29.68 -23.23
CA LEU A 274 -17.43 29.80 -23.70
C LEU A 274 -18.42 29.83 -22.52
N LYS A 275 -19.36 30.78 -22.58
CA LYS A 275 -20.42 30.94 -21.59
C LYS A 275 -21.71 31.18 -22.34
N GLY A 276 -22.57 30.18 -22.34
CA GLY A 276 -23.85 30.27 -23.01
C GLY A 276 -23.73 29.98 -24.48
N PRO A 277 -24.85 30.17 -25.22
CA PRO A 277 -24.83 29.85 -26.66
C PRO A 277 -24.03 30.84 -27.51
N SER A 278 -24.11 32.16 -27.20
CA SER A 278 -23.44 33.16 -28.02
C SER A 278 -22.55 34.12 -27.20
N ASP A 279 -21.95 33.67 -26.08
CA ASP A 279 -21.04 34.54 -25.33
C ASP A 279 -19.81 33.78 -24.81
N VAL A 280 -18.84 34.55 -24.26
CA VAL A 280 -17.57 34.08 -23.66
C VAL A 280 -17.39 34.73 -22.28
N THR A 281 -16.45 34.22 -21.48
CA THR A 281 -16.12 34.76 -20.15
C THR A 281 -14.67 34.38 -19.80
N GLY A 282 -14.07 35.11 -18.86
CA GLY A 282 -12.71 34.86 -18.41
C GLY A 282 -12.43 35.27 -16.98
N ILE A 283 -11.15 35.19 -16.61
CA ILE A 283 -10.59 35.54 -15.31
C ILE A 283 -9.41 36.47 -15.56
N THR A 284 -9.17 37.40 -14.66
CA THR A 284 -8.04 38.31 -14.76
C THR A 284 -7.36 38.24 -13.41
N GLY A 285 -6.18 37.64 -13.41
CA GLY A 285 -5.33 37.44 -12.23
C GLY A 285 -5.96 37.07 -10.89
N LYS A 286 -6.64 35.90 -10.78
CA LYS A 286 -7.15 35.44 -9.47
C LYS A 286 -6.04 34.70 -8.76
N VAL A 287 -5.72 35.13 -7.53
CA VAL A 287 -4.69 34.47 -6.71
C VAL A 287 -5.29 33.19 -6.09
N ILE A 288 -4.52 32.10 -6.09
CA ILE A 288 -4.89 30.82 -5.50
C ILE A 288 -4.46 30.91 -4.04
N GLU A 289 -5.37 31.37 -3.20
CA GLU A 289 -5.08 31.62 -1.80
C GLU A 289 -5.45 30.40 -0.91
N SER A 290 -6.40 29.53 -1.36
CA SER A 290 -6.76 28.34 -0.60
C SER A 290 -6.87 27.12 -1.47
N VAL A 291 -6.57 25.96 -0.89
CA VAL A 291 -6.61 24.66 -1.54
C VAL A 291 -7.33 23.67 -0.61
N THR A 292 -8.16 22.76 -1.16
CA THR A 292 -8.82 21.71 -0.40
C THR A 292 -8.09 20.38 -0.66
N LYS A 293 -7.51 19.76 0.39
CA LYS A 293 -6.82 18.49 0.22
C LYS A 293 -7.87 17.37 0.23
N VAL A 294 -8.14 16.80 -0.94
CA VAL A 294 -9.13 15.73 -1.08
C VAL A 294 -8.35 14.38 -1.23
N ASP A 295 -7.78 13.95 -0.08
CA ASP A 295 -7.03 12.72 0.14
C ASP A 295 -7.67 12.03 1.36
N GLY A 296 -8.80 11.37 1.09
CA GLY A 296 -9.68 10.74 2.05
C GLY A 296 -11.07 11.34 1.88
N THR A 297 -12.12 10.50 1.91
CA THR A 297 -13.52 10.90 1.71
C THR A 297 -14.02 11.88 2.82
N GLY A 298 -13.51 11.72 4.05
CA GLY A 298 -13.83 12.57 5.19
C GLY A 298 -12.78 13.63 5.45
N SER A 299 -12.33 14.29 4.37
CA SER A 299 -11.31 15.35 4.41
C SER A 299 -11.74 16.55 3.48
N PRO A 300 -12.95 17.14 3.62
CA PRO A 300 -13.35 18.21 2.69
C PRO A 300 -13.15 19.62 3.29
N THR A 301 -11.94 19.93 3.79
CA THR A 301 -11.71 21.25 4.39
C THR A 301 -10.66 22.04 3.60
N ALA A 302 -11.03 23.28 3.25
CA ALA A 302 -10.17 24.24 2.55
C ALA A 302 -9.19 24.86 3.55
N GLN A 303 -7.91 24.96 3.16
CA GLN A 303 -6.83 25.46 3.99
C GLN A 303 -6.01 26.53 3.24
N PRO A 304 -5.23 27.40 3.93
CA PRO A 304 -4.41 28.38 3.19
C PRO A 304 -3.37 27.71 2.33
N PHE A 305 -3.15 28.24 1.13
CA PHE A 305 -2.14 27.70 0.23
C PHE A 305 -0.83 28.35 0.60
N THR A 306 0.03 27.60 1.30
CA THR A 306 1.30 28.12 1.87
C THR A 306 2.54 27.45 1.27
N GLU A 307 2.37 26.28 0.64
CA GLU A 307 3.45 25.46 0.13
C GLU A 307 3.02 24.66 -1.11
N ILE A 308 3.87 24.67 -2.17
CA ILE A 308 3.73 23.79 -3.34
C ILE A 308 4.49 22.54 -2.94
N ARG A 309 3.83 21.39 -2.94
CA ARG A 309 4.48 20.17 -2.49
C ARG A 309 4.61 19.13 -3.63
N ARG A 310 5.82 18.64 -3.75
CA ARG A 310 6.34 17.59 -4.64
C ARG A 310 5.47 16.33 -4.60
N ASN A 311 5.19 15.72 -5.77
CA ASN A 311 4.39 14.49 -5.97
C ASN A 311 2.91 14.72 -5.63
N ASN A 312 2.45 15.97 -5.78
CA ASN A 312 1.06 16.37 -5.59
C ASN A 312 0.58 17.07 -6.85
N VAL A 313 -0.69 16.83 -7.26
CA VAL A 313 -1.27 17.52 -8.42
C VAL A 313 -2.22 18.60 -7.85
N TYR A 314 -2.00 19.88 -8.24
CA TYR A 314 -2.88 20.99 -7.83
C TYR A 314 -3.87 21.21 -8.97
N GLN A 315 -5.17 20.90 -8.75
CA GLN A 315 -6.17 20.99 -9.81
C GLN A 315 -7.07 22.22 -9.62
N VAL A 316 -6.92 23.16 -10.55
CA VAL A 316 -7.66 24.41 -10.61
C VAL A 316 -8.84 24.18 -11.52
N THR A 317 -10.06 24.40 -11.02
CA THR A 317 -11.26 24.18 -11.83
C THR A 317 -11.98 25.50 -12.05
N ALA A 318 -12.33 25.76 -13.31
CA ALA A 318 -13.07 26.94 -13.70
C ALA A 318 -14.56 26.56 -13.81
N ARG A 319 -15.33 26.75 -12.70
CA ARG A 319 -16.76 26.44 -12.68
C ARG A 319 -17.53 27.57 -13.35
N VAL A 320 -18.24 27.24 -14.45
CA VAL A 320 -18.97 28.17 -15.29
C VAL A 320 -20.40 28.21 -14.82
N GLY A 321 -20.81 29.36 -14.30
CA GLY A 321 -22.19 29.57 -13.86
C GLY A 321 -22.98 30.38 -14.86
N LYS A 322 -24.03 31.09 -14.40
CA LYS A 322 -24.86 31.89 -15.28
C LYS A 322 -24.19 33.20 -15.64
N ILE A 323 -23.57 33.83 -14.67
CA ILE A 323 -22.96 35.15 -14.71
C ILE A 323 -21.45 35.13 -15.06
N GLY A 324 -20.71 34.09 -14.69
CA GLY A 324 -19.27 33.98 -14.96
C GLY A 324 -18.62 32.76 -14.34
N ILE A 325 -17.27 32.81 -14.18
CA ILE A 325 -16.43 31.72 -13.63
C ILE A 325 -16.15 31.89 -12.11
N GLN A 326 -16.08 30.77 -11.41
CA GLN A 326 -15.68 30.61 -10.01
C GLN A 326 -14.54 29.57 -9.99
N ILE A 327 -13.37 30.00 -9.59
CA ILE A 327 -12.17 29.16 -9.54
C ILE A 327 -12.13 28.41 -8.21
N LEU A 328 -12.03 27.09 -8.27
CA LEU A 328 -11.88 26.28 -7.07
C LEU A 328 -10.69 25.34 -7.25
N THR A 329 -9.86 25.23 -6.22
CA THR A 329 -8.61 24.46 -6.29
C THR A 329 -8.57 23.34 -5.25
N ILE A 330 -8.16 22.15 -5.71
CA ILE A 330 -8.01 20.94 -4.90
C ILE A 330 -6.60 20.37 -5.05
N SER A 331 -6.17 19.63 -4.00
CA SER A 331 -4.89 18.92 -3.89
C SER A 331 -5.17 17.43 -3.86
N VAL A 332 -4.59 16.72 -4.82
CA VAL A 332 -4.73 15.28 -5.08
C VAL A 332 -3.30 14.68 -5.17
N GLU A 333 -3.16 13.36 -4.96
CA GLU A 333 -1.86 12.67 -4.99
C GLU A 333 -1.80 11.59 -6.11
N ASP A 334 -2.84 11.58 -6.97
CA ASP A 334 -3.03 10.68 -8.10
C ASP A 334 -2.74 11.41 -9.43
N TRP A 335 -1.74 10.90 -10.19
CA TRP A 335 -1.32 11.46 -11.49
C TRP A 335 -1.98 10.68 -12.63
N THR B 12 20.07 -41.56 24.56
CA THR B 12 20.59 -40.38 23.86
C THR B 12 19.52 -39.79 22.90
N ARG B 13 19.04 -40.59 21.91
CA ARG B 13 18.02 -40.19 20.92
C ARG B 13 16.62 -40.73 21.23
N ALA B 14 15.60 -40.07 20.65
CA ALA B 14 14.19 -40.42 20.75
C ALA B 14 13.48 -40.10 19.44
N GLN B 15 12.29 -40.67 19.23
CA GLN B 15 11.50 -40.48 18.02
C GLN B 15 10.21 -39.77 18.35
N LEU B 16 9.97 -38.65 17.70
CA LEU B 16 8.77 -37.85 17.91
C LEU B 16 7.94 -37.80 16.62
N SER B 17 6.70 -38.33 16.65
CA SER B 17 5.78 -38.34 15.50
C SER B 17 4.81 -37.19 15.57
N ILE B 18 4.86 -36.29 14.57
CA ILE B 18 3.99 -35.13 14.50
C ILE B 18 2.79 -35.40 13.57
N ASP B 19 1.57 -35.28 14.13
CA ASP B 19 0.32 -35.43 13.39
C ASP B 19 -0.34 -34.07 13.25
N LEU B 20 -0.15 -33.46 12.08
CA LEU B 20 -0.69 -32.15 11.73
C LEU B 20 -2.18 -32.24 11.52
N VAL B 21 -2.89 -31.19 11.97
CA VAL B 21 -4.34 -31.09 11.82
C VAL B 21 -4.74 -29.60 11.44
N ASN B 22 -5.85 -29.50 10.68
CA ASN B 22 -6.55 -28.30 10.21
C ASN B 22 -7.95 -28.40 10.70
N ASN B 23 -8.33 -27.52 11.63
CA ASN B 23 -9.59 -27.61 12.36
C ASN B 23 -10.88 -27.51 11.47
N GLY B 24 -10.83 -26.80 10.33
CA GLY B 24 -11.99 -26.65 9.43
C GLY B 24 -12.44 -27.90 8.65
N ASP B 25 -13.47 -27.75 7.77
CA ASP B 25 -13.96 -28.87 6.93
C ASP B 25 -12.85 -29.32 6.01
N VAL B 26 -12.69 -30.63 5.86
CA VAL B 26 -11.64 -31.26 5.02
C VAL B 26 -11.68 -30.66 3.58
N GLU B 27 -12.89 -30.32 3.09
CA GLU B 27 -13.15 -29.80 1.75
C GLU B 27 -12.53 -28.40 1.55
N GLN B 28 -12.33 -27.62 2.64
CA GLN B 28 -11.77 -26.28 2.54
C GLN B 28 -10.29 -26.20 2.98
N GLN B 29 -9.71 -27.24 3.64
CA GLN B 29 -8.32 -27.13 4.12
C GLN B 29 -7.33 -27.13 2.93
N GLU B 30 -6.31 -26.28 3.08
CA GLU B 30 -5.27 -25.94 2.13
C GLU B 30 -4.32 -27.09 1.83
N LYS B 31 -3.88 -27.18 0.55
CA LYS B 31 -2.90 -28.13 0.05
C LYS B 31 -1.54 -27.72 0.55
N ILE B 32 -0.70 -28.69 0.97
CA ILE B 32 0.63 -28.43 1.49
C ILE B 32 1.65 -28.94 0.45
N ASN B 33 2.58 -28.05 0.04
CA ASN B 33 3.66 -28.26 -0.95
C ASN B 33 4.99 -28.44 -0.25
N SER B 34 5.16 -27.72 0.89
CA SER B 34 6.32 -27.61 1.75
C SER B 34 5.96 -27.79 3.21
N MSE B 35 6.85 -28.42 3.98
CA MSE B 35 6.65 -28.72 5.40
C MSE B 35 7.95 -28.57 6.16
O MSE B 35 8.92 -29.24 5.80
CB MSE B 35 6.12 -30.14 5.42
CG MSE B 35 5.44 -30.57 6.63
SE MSE B 35 4.45 -32.19 6.12
CE MSE B 35 5.82 -33.36 5.41
N ARG B 36 8.03 -27.67 7.17
CA ARG B 36 9.27 -27.49 7.93
C ARG B 36 9.06 -27.76 9.43
N PHE B 37 9.90 -28.66 9.98
CA PHE B 37 9.85 -29.02 11.39
C PHE B 37 11.09 -28.48 12.10
N ILE B 38 10.85 -27.48 12.95
CA ILE B 38 11.88 -26.85 13.78
C ILE B 38 11.61 -27.29 15.22
N VAL B 39 12.58 -27.98 15.84
CA VAL B 39 12.50 -28.56 17.18
C VAL B 39 13.57 -27.94 18.06
N PHE B 40 13.17 -27.34 19.17
CA PHE B 40 14.08 -26.79 20.19
C PHE B 40 13.96 -27.60 21.46
N GLY B 41 15.07 -27.83 22.14
CA GLY B 41 15.05 -28.59 23.38
C GLY B 41 16.06 -28.14 24.42
N SER B 42 15.75 -28.37 25.70
CA SER B 42 16.64 -28.08 26.80
C SER B 42 17.61 -29.22 26.97
N THR B 43 18.91 -28.95 26.87
CA THR B 43 20.00 -29.93 26.99
C THR B 43 20.73 -29.67 28.33
N PRO B 44 21.73 -30.50 28.77
CA PRO B 44 22.48 -30.15 30.00
C PRO B 44 23.31 -28.88 29.79
N GLY B 45 23.80 -28.67 28.58
CA GLY B 45 24.56 -27.48 28.18
C GLY B 45 23.71 -26.23 28.04
N GLY B 46 22.40 -26.42 27.77
CA GLY B 46 21.43 -25.33 27.63
C GLY B 46 20.47 -25.49 26.48
N VAL B 47 19.66 -24.45 26.20
CA VAL B 47 18.69 -24.46 25.09
C VAL B 47 19.45 -24.52 23.77
N ARG B 48 19.05 -25.45 22.89
CA ARG B 48 19.71 -25.67 21.61
C ARG B 48 18.69 -26.05 20.54
N LEU B 49 18.95 -25.66 19.28
CA LEU B 49 18.16 -26.06 18.14
C LEU B 49 18.48 -27.52 17.88
N ASP B 50 17.48 -28.39 17.92
CA ASP B 50 17.70 -29.83 17.77
C ASP B 50 17.53 -30.25 16.32
N VAL B 51 16.36 -29.94 15.74
CA VAL B 51 15.99 -30.33 14.37
C VAL B 51 15.51 -29.11 13.62
N ASN B 52 15.94 -28.97 12.35
CA ASN B 52 15.49 -28.00 11.34
C ASN B 52 15.49 -28.77 10.03
N GLU B 53 14.33 -29.31 9.69
CA GLU B 53 14.11 -30.20 8.55
C GLU B 53 13.04 -29.61 7.63
N HIS B 54 13.37 -29.51 6.34
CA HIS B 54 12.52 -28.97 5.29
C HIS B 54 12.21 -30.08 4.30
N ILE B 55 10.94 -30.49 4.27
CA ILE B 55 10.42 -31.56 3.42
C ILE B 55 9.60 -30.93 2.29
N LEU B 56 9.89 -31.34 1.06
CA LEU B 56 9.20 -30.83 -0.12
C LEU B 56 8.39 -31.97 -0.71
N LEU B 57 7.07 -31.74 -0.87
CA LEU B 57 6.11 -32.73 -1.34
C LEU B 57 5.85 -32.60 -2.85
N SER B 58 6.07 -33.72 -3.55
CA SER B 58 5.86 -33.85 -4.99
C SER B 58 4.38 -33.80 -5.31
N THR B 59 3.59 -34.51 -4.50
CA THR B 59 2.14 -34.54 -4.59
C THR B 59 1.65 -33.71 -3.41
N PRO B 60 1.16 -32.47 -3.67
CA PRO B 60 0.65 -31.65 -2.58
C PRO B 60 -0.60 -32.30 -1.97
N GLU B 61 -0.61 -32.37 -0.62
CA GLU B 61 -1.67 -33.03 0.14
C GLU B 61 -2.12 -32.15 1.31
N THR B 62 -3.34 -32.40 1.85
CA THR B 62 -3.82 -31.62 3.00
C THR B 62 -3.34 -32.27 4.29
N ALA B 63 -3.46 -31.56 5.44
CA ALA B 63 -3.05 -32.05 6.77
C ALA B 63 -3.64 -33.44 7.10
N THR B 64 -4.91 -33.69 6.74
CA THR B 64 -5.54 -34.99 7.00
C THR B 64 -4.86 -36.07 6.13
N ASP B 65 -4.53 -35.75 4.86
CA ASP B 65 -3.87 -36.70 3.95
C ASP B 65 -2.39 -36.94 4.32
N ILE B 66 -1.77 -36.04 5.11
CA ILE B 66 -0.37 -36.19 5.53
C ILE B 66 -0.29 -37.16 6.69
N ASP B 67 0.55 -38.20 6.53
CA ASP B 67 0.88 -39.19 7.55
C ASP B 67 1.67 -38.55 8.66
N ALA B 68 1.67 -39.14 9.87
CA ALA B 68 2.49 -38.65 10.99
C ALA B 68 3.95 -38.58 10.56
N GLN B 69 4.60 -37.45 10.84
CA GLN B 69 5.98 -37.22 10.46
C GLN B 69 6.91 -37.60 11.58
N LEU B 70 7.71 -38.67 11.37
CA LEU B 70 8.65 -39.12 12.38
C LEU B 70 9.90 -38.25 12.34
N LEU B 71 10.26 -37.69 13.51
CA LEU B 71 11.44 -36.83 13.71
C LEU B 71 12.36 -37.41 14.76
N GLU B 72 13.64 -37.61 14.40
CA GLU B 72 14.62 -38.13 15.36
C GLU B 72 15.13 -36.95 16.21
N VAL B 73 14.82 -36.97 17.50
CA VAL B 73 15.15 -35.86 18.40
C VAL B 73 16.04 -36.34 19.56
N THR B 74 16.64 -35.38 20.25
CA THR B 74 17.46 -35.55 21.45
C THR B 74 16.48 -35.55 22.60
N SER B 75 16.55 -36.58 23.46
CA SER B 75 15.69 -36.68 24.64
C SER B 75 15.91 -35.46 25.54
N SER B 76 14.81 -34.82 25.93
CA SER B 76 14.79 -33.62 26.76
C SER B 76 13.54 -33.57 27.59
N ASN B 77 13.62 -32.88 28.74
CA ASN B 77 12.48 -32.71 29.64
C ASN B 77 11.61 -31.53 29.17
N ASP B 78 12.10 -30.66 28.25
CA ASP B 78 11.30 -29.53 27.72
C ASP B 78 11.71 -29.30 26.27
N ILE B 79 10.77 -29.62 25.36
CA ILE B 79 10.91 -29.52 23.91
C ILE B 79 9.78 -28.62 23.36
N LEU B 80 10.16 -27.65 22.50
CA LEU B 80 9.26 -26.74 21.79
C LEU B 80 9.38 -27.02 20.31
N VAL B 81 8.26 -27.25 19.64
CA VAL B 81 8.22 -27.61 18.22
C VAL B 81 7.51 -26.52 17.42
N VAL B 82 8.18 -25.99 16.41
CA VAL B 82 7.60 -25.06 15.44
C VAL B 82 7.34 -25.84 14.13
N VAL B 83 6.18 -25.62 13.47
CA VAL B 83 5.85 -26.24 12.17
C VAL B 83 5.43 -25.13 11.18
N ILE B 84 6.00 -25.17 9.98
CA ILE B 84 5.70 -24.18 8.92
C ILE B 84 5.38 -24.92 7.61
N ALA B 85 4.19 -24.68 7.07
CA ALA B 85 3.83 -25.24 5.78
C ALA B 85 3.76 -24.14 4.76
N ASN B 86 4.11 -24.45 3.54
CA ASN B 86 4.05 -23.54 2.39
C ASN B 86 4.73 -22.17 2.70
N GLU B 87 5.91 -22.23 3.32
CA GLU B 87 6.73 -21.05 3.63
C GLU B 87 7.03 -20.26 2.35
N PRO B 88 6.94 -18.91 2.36
CA PRO B 88 7.30 -18.15 1.16
C PRO B 88 8.78 -18.34 0.84
N GLN B 89 9.15 -18.48 -0.45
CA GLN B 89 10.56 -18.63 -0.86
C GLN B 89 11.45 -17.51 -0.25
N SER B 90 10.87 -16.32 0.01
CA SER B 90 11.58 -15.16 0.56
C SER B 90 12.12 -15.43 1.99
N LEU B 91 11.56 -16.41 2.74
CA LEU B 91 12.01 -16.65 4.11
C LEU B 91 12.86 -17.93 4.24
N THR B 92 12.94 -18.77 3.20
CA THR B 92 13.66 -20.04 3.26
C THR B 92 15.14 -19.82 3.68
N SER B 93 15.83 -18.78 3.16
CA SER B 93 17.25 -18.47 3.51
C SER B 93 17.39 -18.23 5.02
N GLN B 94 16.43 -17.46 5.60
CA GLN B 94 16.33 -17.12 7.02
C GLN B 94 15.98 -18.32 7.86
N LEU B 95 14.98 -19.11 7.42
CA LEU B 95 14.52 -20.32 8.09
C LEU B 95 15.63 -21.40 8.09
N ASP B 96 16.34 -21.61 6.95
CA ASP B 96 17.45 -22.58 6.90
C ASP B 96 18.57 -22.21 7.88
N GLY B 97 18.74 -20.91 8.15
CA GLY B 97 19.77 -20.42 9.06
C GLY B 97 19.32 -20.03 10.46
N ILE B 98 18.11 -20.45 10.86
CA ILE B 98 17.59 -20.12 12.17
C ILE B 98 18.40 -20.87 13.21
N ALA B 99 18.72 -20.22 14.33
CA ALA B 99 19.53 -20.81 15.39
C ALA B 99 18.90 -20.59 16.74
N ASN B 100 18.10 -19.51 16.83
CA ASN B 100 17.44 -19.03 18.03
C ASN B 100 15.93 -19.00 17.87
N LEU B 101 15.25 -19.41 18.94
CA LEU B 101 13.81 -19.45 19.04
C LEU B 101 13.17 -18.02 19.06
N LEU B 102 13.80 -17.08 19.77
CA LEU B 102 13.24 -15.74 19.88
C LEU B 102 13.52 -14.90 18.62
N THR B 103 14.62 -15.23 17.89
CA THR B 103 14.95 -14.60 16.61
C THR B 103 13.91 -15.07 15.56
N LEU B 104 13.40 -16.29 15.74
CA LEU B 104 12.34 -16.84 14.89
C LEU B 104 11.04 -16.05 15.10
N GLN B 105 10.68 -15.80 16.38
CA GLN B 105 9.48 -15.05 16.79
C GLN B 105 9.50 -13.61 16.21
N GLU B 106 10.70 -13.05 15.96
CA GLU B 106 10.93 -11.70 15.43
C GLU B 106 10.75 -11.63 13.90
N MSE B 107 10.77 -12.78 13.21
CA MSE B 107 10.68 -12.87 11.75
C MSE B 107 9.34 -12.33 11.24
O MSE B 107 8.25 -12.74 11.68
CB MSE B 107 10.88 -14.33 11.29
CG MSE B 107 11.10 -14.46 9.79
SE MSE B 107 11.50 -16.28 9.25
CE MSE B 107 13.19 -16.53 10.25
N ILE B 108 9.44 -11.38 10.31
CA ILE B 108 8.35 -10.68 9.66
C ILE B 108 8.39 -10.98 8.16
N TYR B 109 7.20 -11.06 7.54
CA TYR B 109 7.06 -11.27 6.10
C TYR B 109 5.98 -10.31 5.53
N ASP B 110 6.10 -10.04 4.22
CA ASP B 110 5.17 -9.22 3.45
C ASP B 110 4.23 -10.15 2.75
N ILE B 111 2.94 -10.10 3.12
CA ILE B 111 1.87 -10.94 2.54
C ILE B 111 1.80 -10.74 1.01
N SER B 112 2.24 -9.57 0.48
CA SER B 112 2.25 -9.29 -0.96
C SER B 112 3.08 -10.31 -1.74
N SER B 113 3.95 -11.09 -1.04
CA SER B 113 4.82 -12.11 -1.61
C SER B 113 4.06 -13.30 -2.15
N ILE B 114 3.06 -13.75 -1.40
CA ILE B 114 2.27 -14.93 -1.77
C ILE B 114 1.09 -14.52 -2.69
N LEU B 115 0.94 -13.22 -2.99
CA LEU B 115 -0.15 -12.71 -3.82
C LEU B 115 0.32 -12.31 -5.21
N ASN B 116 -0.56 -12.48 -6.21
CA ASN B 116 -0.26 -12.13 -7.60
C ASN B 116 -0.80 -10.71 -7.90
N SER B 117 -0.80 -10.35 -9.20
CA SER B 117 -1.26 -9.06 -9.73
C SER B 117 -2.76 -8.80 -9.42
N ASP B 118 -3.62 -9.85 -9.48
CA ASP B 118 -5.07 -9.71 -9.27
C ASP B 118 -5.45 -9.75 -7.73
N GLY B 119 -4.44 -9.90 -6.87
CA GLY B 119 -4.63 -9.90 -5.42
C GLY B 119 -5.04 -11.21 -4.78
N GLN B 120 -4.82 -12.33 -5.49
CA GLN B 120 -5.14 -13.69 -5.05
C GLN B 120 -3.84 -14.52 -4.82
N ILE B 121 -3.93 -15.56 -3.96
CA ILE B 121 -2.79 -16.43 -3.60
C ILE B 121 -2.21 -17.10 -4.84
N ILE B 122 -0.87 -17.11 -4.96
CA ILE B 122 -0.14 -17.79 -6.02
C ILE B 122 -0.12 -19.28 -5.64
N SER B 123 -1.04 -20.05 -6.25
CA SER B 123 -1.28 -21.49 -6.02
C SER B 123 0.01 -22.32 -5.84
N ALA B 124 1.06 -22.03 -6.65
CA ALA B 124 2.35 -22.73 -6.68
C ALA B 124 3.07 -22.71 -5.30
N THR B 125 3.21 -21.52 -4.64
CA THR B 125 3.87 -21.43 -3.34
C THR B 125 2.86 -21.91 -2.24
N GLY B 126 1.57 -21.63 -2.44
CA GLY B 126 0.49 -21.97 -1.53
C GLY B 126 0.31 -20.99 -0.39
N MSE B 127 -0.65 -21.32 0.47
CA MSE B 127 -1.05 -20.57 1.66
C MSE B 127 -0.11 -20.91 2.84
O MSE B 127 -0.18 -22.04 3.34
CB MSE B 127 -2.51 -20.94 1.98
CG MSE B 127 -3.08 -20.35 3.28
SE MSE B 127 -3.34 -18.44 3.22
CE MSE B 127 -2.28 -17.99 4.58
N PRO B 128 0.74 -19.97 3.34
CA PRO B 128 1.60 -20.32 4.49
C PRO B 128 0.79 -20.60 5.76
N MSE B 129 1.18 -21.67 6.47
CA MSE B 129 0.55 -22.08 7.74
C MSE B 129 1.61 -22.35 8.78
O MSE B 129 2.66 -22.92 8.50
CB MSE B 129 -0.33 -23.29 7.57
CG MSE B 129 -1.34 -23.10 6.47
SE MSE B 129 -2.47 -24.58 6.34
CE MSE B 129 -3.51 -24.17 7.87
N THR B 130 1.34 -21.92 10.00
CA THR B 130 2.24 -22.01 11.14
C THR B 130 1.50 -22.58 12.35
N GLY B 131 2.28 -23.26 13.19
CA GLY B 131 1.84 -23.85 14.43
C GLY B 131 3.04 -23.94 15.32
N VAL B 132 2.84 -23.88 16.66
CA VAL B 132 3.88 -23.94 17.70
C VAL B 132 3.33 -24.77 18.87
N ILE B 133 4.01 -25.87 19.27
CA ILE B 133 3.58 -26.64 20.45
C ILE B 133 4.80 -26.67 21.44
N ARG B 134 4.49 -26.75 22.74
CA ARG B 134 5.41 -26.60 23.87
C ARG B 134 5.22 -27.69 24.92
N ASP B 135 6.20 -27.79 25.85
CA ASP B 135 6.23 -28.68 27.02
C ASP B 135 6.07 -30.17 26.63
N ILE B 136 7.05 -30.66 25.89
CA ILE B 136 7.11 -32.03 25.47
C ILE B 136 8.26 -32.70 26.23
N SER B 137 7.99 -33.83 26.88
CA SER B 137 9.02 -34.60 27.57
C SER B 137 9.22 -35.91 26.85
N ILE B 138 10.46 -36.28 26.54
CA ILE B 138 10.73 -37.55 25.89
C ILE B 138 12.02 -38.11 26.48
N ALA B 139 12.01 -39.41 26.77
CA ALA B 139 13.17 -40.11 27.34
C ALA B 139 13.92 -40.88 26.25
N PRO B 140 15.19 -41.30 26.46
CA PRO B 140 15.89 -42.05 25.40
C PRO B 140 15.14 -43.30 24.95
N ASP B 141 15.08 -43.49 23.60
CA ASP B 141 14.48 -44.62 22.86
C ASP B 141 12.92 -44.58 22.90
N GLU B 142 12.32 -43.58 23.59
CA GLU B 142 10.87 -43.43 23.65
C GLU B 142 10.35 -42.88 22.30
N THR B 143 9.13 -43.30 21.92
CA THR B 143 8.39 -42.87 20.74
C THR B 143 7.12 -42.18 21.24
N LYS B 144 6.91 -40.93 20.82
CA LYS B 144 5.74 -40.17 21.21
C LYS B 144 5.04 -39.58 20.01
N THR B 145 3.71 -39.62 20.00
CA THR B 145 2.95 -38.97 18.95
C THR B 145 2.43 -37.70 19.57
N VAL B 146 2.67 -36.60 18.89
CA VAL B 146 2.24 -35.27 19.26
C VAL B 146 1.35 -34.75 18.11
N GLN B 147 0.11 -34.45 18.42
CA GLN B 147 -0.84 -33.91 17.46
C GLN B 147 -0.77 -32.38 17.49
N MSE B 148 -0.74 -31.70 16.33
CA MSE B 148 -0.69 -30.24 16.46
C MSE B 148 -1.43 -29.54 15.30
O MSE B 148 -1.28 -29.92 14.12
CB MSE B 148 0.75 -29.69 16.58
CG MSE B 148 1.67 -29.85 15.37
SE MSE B 148 3.43 -29.09 15.78
CE MSE B 148 4.13 -30.45 16.75
N VAL B 149 -2.23 -28.51 15.65
CA VAL B 149 -3.00 -27.67 14.72
C VAL B 149 -2.04 -26.67 14.09
N ILE B 150 -2.31 -26.30 12.87
CA ILE B 150 -1.54 -25.32 12.14
C ILE B 150 -2.59 -24.41 11.52
N GLU B 151 -2.40 -23.10 11.70
CA GLU B 151 -3.31 -22.00 11.30
C GLU B 151 -2.66 -21.19 10.19
N ARG B 152 -3.48 -20.63 9.27
CA ARG B 152 -3.01 -19.83 8.12
C ARG B 152 -2.31 -18.60 8.58
N ALA B 153 -1.38 -18.07 7.79
CA ALA B 153 -0.61 -16.91 8.26
C ALA B 153 -1.17 -15.57 7.73
N VAL B 154 -2.44 -15.56 7.24
CA VAL B 154 -3.11 -14.38 6.69
C VAL B 154 -4.60 -14.39 7.13
N ALA B 155 -5.21 -13.20 7.09
CA ALA B 155 -6.64 -12.96 7.25
C ALA B 155 -7.21 -12.62 5.90
N ARG B 156 -8.51 -12.88 5.69
CA ARG B 156 -9.11 -12.52 4.42
C ARG B 156 -10.35 -11.67 4.67
N VAL B 157 -10.60 -10.69 3.80
CA VAL B 157 -11.78 -9.83 3.91
C VAL B 157 -12.62 -10.06 2.66
N ASP B 158 -13.72 -10.79 2.85
CA ASP B 158 -14.71 -11.08 1.82
C ASP B 158 -15.75 -9.99 1.79
N VAL B 159 -16.21 -9.62 0.60
CA VAL B 159 -17.25 -8.62 0.44
C VAL B 159 -18.37 -9.24 -0.37
N PHE B 160 -19.56 -9.29 0.23
CA PHE B 160 -20.76 -9.85 -0.39
C PHE B 160 -21.84 -8.83 -0.63
N ILE B 161 -22.68 -9.11 -1.62
CA ILE B 161 -23.92 -8.41 -1.96
C ILE B 161 -25.01 -9.41 -1.62
N GLU B 162 -25.95 -9.04 -0.74
CA GLU B 162 -26.99 -9.98 -0.38
C GLU B 162 -28.38 -9.43 -0.67
N ALA B 163 -29.17 -10.24 -1.41
CA ALA B 163 -30.56 -9.98 -1.70
C ALA B 163 -31.36 -10.50 -0.53
N ILE B 164 -32.19 -9.64 0.05
CA ILE B 164 -32.92 -10.02 1.25
C ILE B 164 -34.43 -9.95 0.97
N ASP B 165 -35.18 -10.74 1.76
CA ASP B 165 -36.63 -10.87 1.70
C ASP B 165 -37.24 -9.54 2.06
N GLY B 166 -37.91 -8.93 1.09
CA GLY B 166 -38.52 -7.62 1.29
C GLY B 166 -37.70 -6.49 0.72
N GLY B 167 -36.48 -6.82 0.29
CA GLY B 167 -35.56 -5.87 -0.32
C GLY B 167 -35.86 -5.66 -1.80
N ALA B 168 -34.96 -4.96 -2.48
CA ALA B 168 -35.06 -4.69 -3.90
C ALA B 168 -34.23 -5.67 -4.68
N VAL B 169 -34.49 -5.77 -6.00
CA VAL B 169 -33.71 -6.57 -6.94
C VAL B 169 -32.33 -6.00 -6.93
N THR B 170 -31.29 -6.82 -6.77
CA THR B 170 -29.94 -6.28 -6.67
C THR B 170 -28.99 -7.01 -7.64
N GLY B 171 -27.75 -6.55 -7.65
CA GLY B 171 -26.70 -7.09 -8.49
C GLY B 171 -25.51 -6.17 -8.68
N TYR B 172 -24.60 -6.61 -9.55
CA TYR B 172 -23.41 -5.84 -9.87
C TYR B 172 -23.19 -5.81 -11.38
N THR B 173 -22.62 -4.69 -11.88
CA THR B 173 -22.34 -4.52 -13.31
C THR B 173 -20.82 -4.42 -13.53
N ALA B 174 -20.31 -5.09 -14.58
CA ALA B 174 -18.89 -5.23 -14.98
C ALA B 174 -18.12 -3.88 -14.97
N GLY B 175 -18.68 -2.86 -15.59
CA GLY B 175 -18.00 -1.59 -15.67
C GLY B 175 -17.97 -0.69 -14.45
N SER B 176 -19.12 -0.53 -13.74
CA SER B 176 -19.22 0.47 -12.68
C SER B 176 -19.29 -0.06 -11.22
N THR B 177 -19.90 -1.22 -10.92
CA THR B 177 -19.97 -1.67 -9.51
C THR B 177 -18.54 -1.84 -8.95
N SER B 178 -18.23 -1.15 -7.83
CA SER B 178 -16.91 -1.20 -7.19
C SER B 178 -17.02 -1.24 -5.67
N VAL B 179 -15.97 -1.76 -5.03
CA VAL B 179 -15.86 -1.86 -3.59
C VAL B 179 -14.42 -1.47 -3.23
N THR B 180 -14.27 -0.55 -2.24
CA THR B 180 -12.97 -0.06 -1.80
C THR B 180 -12.82 -0.39 -0.32
N LEU B 181 -11.73 -1.08 0.02
CA LEU B 181 -11.35 -1.41 1.39
C LEU B 181 -10.26 -0.45 1.83
N HIS B 182 -10.44 0.16 2.99
CA HIS B 182 -9.47 1.07 3.59
C HIS B 182 -8.87 0.48 4.84
N ASN B 183 -7.63 0.87 5.13
CA ASN B 183 -6.85 0.56 6.32
C ASN B 183 -6.54 -0.94 6.47
N PHE B 184 -6.21 -1.60 5.37
CA PHE B 184 -5.71 -2.97 5.49
C PHE B 184 -4.16 -2.85 5.41
N SER B 185 -3.41 -3.90 5.75
CA SER B 185 -1.95 -3.87 5.69
C SER B 185 -1.39 -5.21 5.22
N HIS B 186 -0.12 -5.23 4.75
CA HIS B 186 0.54 -6.45 4.27
C HIS B 186 1.63 -6.99 5.23
N ASP B 187 2.09 -6.14 6.10
CA ASP B 187 3.18 -6.36 7.04
C ASP B 187 2.74 -7.22 8.25
N SER B 188 3.29 -8.48 8.40
CA SER B 188 2.90 -9.39 9.50
C SER B 188 4.07 -10.16 10.12
N TYR B 189 3.97 -10.54 11.41
CA TYR B 189 4.93 -11.47 12.03
C TYR B 189 4.65 -12.82 11.43
N PHE B 190 5.68 -13.60 11.12
CA PHE B 190 5.45 -14.84 10.39
C PHE B 190 5.00 -15.99 11.32
N VAL B 191 5.80 -16.42 12.30
CA VAL B 191 5.44 -17.55 13.17
C VAL B 191 4.48 -17.09 14.30
N MSE B 192 3.43 -17.91 14.56
CA MSE B 192 2.43 -17.60 15.57
C MSE B 192 1.83 -18.89 16.15
O MSE B 192 1.44 -19.81 15.42
CB MSE B 192 1.34 -16.69 14.98
CG MSE B 192 0.16 -16.39 15.90
SE MSE B 192 0.53 -15.49 17.59
CE MSE B 192 0.79 -13.77 17.00
N GLY B 193 1.72 -18.87 17.49
CA GLY B 193 1.13 -19.90 18.31
C GLY B 193 -0.34 -20.11 18.04
N ASN B 194 -0.90 -21.17 18.64
CA ASN B 194 -2.27 -21.60 18.37
C ASN B 194 -3.04 -21.94 19.65
N VAL B 195 -4.31 -21.53 19.70
CA VAL B 195 -5.19 -21.78 20.84
C VAL B 195 -5.42 -23.33 20.95
N GLY B 196 -5.42 -24.03 19.81
CA GLY B 196 -5.58 -25.49 19.79
C GLY B 196 -4.42 -26.25 20.43
N ASN B 197 -3.19 -25.69 20.34
CA ASN B 197 -1.91 -26.20 20.84
C ASN B 197 -1.53 -25.59 22.18
N GLY B 198 -2.35 -24.65 22.63
CA GLY B 198 -2.15 -23.96 23.90
C GLY B 198 -0.92 -23.07 23.92
N THR B 199 -0.68 -22.34 22.82
CA THR B 199 0.46 -21.43 22.71
C THR B 199 -0.04 -20.05 22.22
N ARG B 200 -1.34 -19.80 22.36
CA ARG B 200 -1.95 -18.51 22.06
C ARG B 200 -3.18 -18.35 22.94
N ASP B 201 -3.29 -17.17 23.57
CA ASP B 201 -4.37 -16.82 24.50
C ASP B 201 -4.39 -17.83 25.68
N ASN B 202 -3.20 -18.21 26.14
CA ASN B 202 -3.02 -19.12 27.26
C ASN B 202 -3.01 -18.32 28.55
N ALA B 203 -3.48 -18.95 29.66
CA ALA B 203 -3.56 -18.39 31.02
C ALA B 203 -2.31 -17.53 31.34
N ASP B 204 -1.10 -18.13 31.22
CA ASP B 204 0.17 -17.43 31.44
C ASP B 204 0.88 -17.19 30.11
N SER B 205 1.25 -15.91 29.89
CA SER B 205 1.95 -15.40 28.70
C SER B 205 3.26 -16.19 28.41
N SER B 206 3.80 -16.89 29.41
CA SER B 206 5.02 -17.70 29.33
C SER B 206 4.85 -18.94 28.44
N LYS B 207 3.59 -19.41 28.29
CA LYS B 207 3.23 -20.57 27.47
C LYS B 207 2.80 -20.14 26.07
N ASN B 208 2.70 -18.83 25.82
CA ASN B 208 2.33 -18.23 24.53
C ASN B 208 3.55 -18.01 23.67
N TYR B 209 3.36 -18.05 22.34
CA TYR B 209 4.40 -17.83 21.34
C TYR B 209 3.84 -17.03 20.18
N GLY B 210 4.63 -16.06 19.71
CA GLY B 210 4.26 -15.22 18.58
C GLY B 210 3.97 -13.79 18.97
N LYS B 211 4.38 -12.87 18.11
CA LYS B 211 4.15 -11.43 18.26
C LYS B 211 3.09 -10.99 17.26
N VAL B 212 2.37 -9.91 17.58
CA VAL B 212 1.34 -9.37 16.68
C VAL B 212 1.67 -7.86 16.48
N LYS B 213 1.57 -7.39 15.23
CA LYS B 213 1.83 -6.00 14.81
C LYS B 213 0.86 -5.01 15.48
N GLU B 214 1.40 -3.86 15.90
CA GLU B 214 0.67 -2.78 16.57
C GLU B 214 0.97 -1.44 15.95
N ASP B 215 0.19 -0.37 16.31
CA ASP B 215 0.36 1.04 15.90
C ASP B 215 1.00 1.16 14.49
N VAL B 216 0.29 0.63 13.49
CA VAL B 216 0.75 0.63 12.09
C VAL B 216 0.67 2.08 11.53
N SER B 217 1.74 2.53 10.84
CA SER B 217 1.83 3.86 10.24
C SER B 217 0.84 4.05 9.11
N GLU B 218 0.39 5.30 8.87
CA GLU B 218 -0.55 5.65 7.77
C GLU B 218 0.06 5.26 6.40
N SER B 219 1.41 5.16 6.35
CA SER B 219 2.20 4.77 5.20
C SER B 219 2.01 3.30 4.88
N ASN B 220 1.85 2.47 5.93
CA ASN B 220 1.69 1.01 5.85
C ASN B 220 0.22 0.60 5.70
N LEU B 221 -0.72 1.53 5.95
CA LEU B 221 -2.15 1.26 5.83
C LEU B 221 -2.54 1.48 4.39
N LEU B 222 -3.09 0.44 3.77
CA LEU B 222 -3.44 0.39 2.36
C LEU B 222 -4.92 0.64 2.08
N THR B 223 -5.20 0.93 0.81
CA THR B 223 -6.52 1.20 0.26
C THR B 223 -6.55 0.61 -1.16
N HIS B 224 -7.55 -0.22 -1.46
CA HIS B 224 -7.62 -0.83 -2.79
C HIS B 224 -9.07 -0.96 -3.25
N SER B 225 -9.31 -0.50 -4.49
CA SER B 225 -10.58 -0.53 -5.20
C SER B 225 -10.68 -1.80 -5.99
N TRP B 226 -11.88 -2.36 -6.11
CA TRP B 226 -12.00 -3.61 -6.82
C TRP B 226 -13.29 -3.63 -7.61
N THR B 227 -13.23 -3.06 -8.83
CA THR B 227 -14.36 -2.94 -9.74
C THR B 227 -14.73 -4.35 -10.23
N ALA B 228 -16.04 -4.62 -10.38
CA ALA B 228 -16.58 -5.90 -10.84
C ALA B 228 -16.07 -6.28 -12.23
N ALA B 229 -15.90 -7.57 -12.49
CA ALA B 229 -15.42 -8.06 -13.79
C ALA B 229 -16.59 -8.57 -14.64
N THR B 230 -17.51 -9.29 -13.97
CA THR B 230 -18.70 -9.89 -14.53
C THR B 230 -19.92 -9.05 -14.13
N THR B 231 -21.07 -9.39 -14.67
CA THR B 231 -22.36 -8.76 -14.40
C THR B 231 -23.38 -9.85 -14.10
N GLU B 232 -24.17 -9.70 -13.03
CA GLU B 232 -25.28 -10.59 -12.72
C GLU B 232 -26.25 -9.88 -11.77
N THR B 233 -27.53 -10.14 -11.97
CA THR B 233 -28.63 -9.59 -11.19
C THR B 233 -29.38 -10.72 -10.54
N TRP B 234 -29.87 -10.51 -9.31
CA TRP B 234 -30.64 -11.54 -8.63
C TRP B 234 -31.56 -10.93 -7.58
N ALA B 235 -32.77 -11.48 -7.47
CA ALA B 235 -33.77 -11.12 -6.48
C ALA B 235 -33.81 -12.19 -5.38
N TYR B 236 -34.37 -11.88 -4.20
CA TYR B 236 -34.45 -12.88 -3.12
C TYR B 236 -35.34 -14.04 -3.56
N SER B 237 -34.86 -15.30 -3.35
CA SER B 237 -35.60 -16.53 -3.64
C SER B 237 -35.71 -17.37 -2.34
N SER B 238 -36.96 -17.69 -1.96
CA SER B 238 -37.31 -18.45 -0.76
C SER B 238 -36.90 -19.92 -0.88
N ALA B 239 -36.62 -20.39 -2.11
CA ALA B 239 -36.18 -21.75 -2.45
C ALA B 239 -34.94 -22.19 -1.63
N PRO B 240 -34.72 -23.50 -1.39
CA PRO B 240 -33.57 -23.92 -0.57
C PRO B 240 -32.20 -23.79 -1.27
N GLY B 241 -32.17 -24.06 -2.58
CA GLY B 241 -30.96 -24.01 -3.39
C GLY B 241 -30.42 -22.62 -3.68
N ALA B 242 -31.23 -21.57 -3.41
CA ALA B 242 -30.96 -20.16 -3.66
C ALA B 242 -29.74 -19.61 -2.86
N GLU B 243 -28.79 -18.99 -3.60
CA GLU B 243 -27.61 -18.34 -3.05
C GLU B 243 -27.80 -16.81 -3.18
N ASN B 244 -28.57 -16.22 -2.25
CA ASN B 244 -28.94 -14.80 -2.19
C ASN B 244 -27.73 -13.93 -1.84
N ARG B 245 -26.78 -14.50 -1.08
CA ARG B 245 -25.54 -13.86 -0.66
C ARG B 245 -24.43 -14.30 -1.61
N LYS B 246 -24.07 -13.40 -2.55
CA LYS B 246 -23.04 -13.67 -3.57
C LYS B 246 -21.78 -12.86 -3.29
N LEU B 247 -20.60 -13.48 -3.45
CA LEU B 247 -19.30 -12.83 -3.21
C LEU B 247 -18.90 -11.90 -4.36
N LEU B 248 -18.57 -10.65 -4.01
CA LEU B 248 -18.15 -9.64 -4.97
C LEU B 248 -16.62 -9.61 -5.10
N CYS B 249 -15.88 -9.58 -3.97
CA CYS B 249 -14.43 -9.52 -3.95
C CYS B 249 -13.86 -10.00 -2.60
N SER B 250 -12.58 -10.43 -2.62
CA SER B 250 -11.81 -10.86 -1.45
C SER B 250 -10.50 -10.06 -1.36
N PHE B 251 -10.15 -9.65 -0.14
CA PHE B 251 -8.92 -8.92 0.16
C PHE B 251 -8.13 -9.69 1.24
N TYR B 252 -6.80 -9.72 1.13
CA TYR B 252 -5.96 -10.36 2.14
C TYR B 252 -5.27 -9.26 2.94
N THR B 253 -5.32 -9.38 4.26
CA THR B 253 -4.70 -8.39 5.15
C THR B 253 -3.92 -9.11 6.26
N ALA B 254 -2.93 -8.43 6.84
CA ALA B 254 -2.10 -8.96 7.90
C ALA B 254 -2.82 -8.95 9.24
N GLU B 255 -2.40 -9.88 10.11
CA GLU B 255 -2.87 -9.95 11.48
C GLU B 255 -2.25 -8.80 12.24
N ARG B 256 -3.08 -7.95 12.84
CA ARG B 256 -2.60 -6.83 13.63
C ARG B 256 -3.66 -6.38 14.65
N LEU B 257 -3.19 -5.67 15.69
CA LEU B 257 -4.03 -5.02 16.69
C LEU B 257 -4.33 -3.61 16.23
N PHE B 258 -5.62 -3.18 16.27
CA PHE B 258 -5.93 -1.79 15.93
C PHE B 258 -5.48 -0.89 17.06
N LYS B 259 -5.20 0.37 16.75
CA LYS B 259 -4.78 1.37 17.73
C LYS B 259 -5.85 1.60 18.81
N SER B 260 -5.45 2.23 19.93
CA SER B 260 -6.31 2.54 21.06
C SER B 260 -7.51 3.39 20.66
N ASP B 261 -7.27 4.41 19.81
CA ASP B 261 -8.28 5.33 19.32
C ASP B 261 -9.15 4.69 18.22
N TYR B 262 -8.73 3.51 17.71
CA TYR B 262 -9.37 2.71 16.64
C TYR B 262 -9.48 3.52 15.32
N SER B 263 -8.53 4.46 15.11
CA SER B 263 -8.45 5.30 13.92
C SER B 263 -8.10 4.48 12.66
N ASP B 264 -7.38 3.33 12.84
CA ASP B 264 -6.94 2.46 11.75
C ASP B 264 -7.93 1.29 11.49
N ARG B 265 -9.14 1.32 12.12
CA ARG B 265 -10.15 0.28 11.88
C ARG B 265 -10.50 0.20 10.40
N LEU B 266 -10.83 -1.00 9.91
CA LEU B 266 -11.18 -1.20 8.51
C LEU B 266 -12.39 -0.34 8.12
N SER B 267 -12.35 0.20 6.92
CA SER B 267 -13.42 1.02 6.37
C SER B 267 -13.78 0.49 5.00
N ILE B 268 -15.04 0.61 4.62
CA ILE B 268 -15.48 0.13 3.31
C ILE B 268 -16.41 1.18 2.68
N SER B 269 -16.39 1.23 1.34
CA SER B 269 -17.27 2.07 0.56
C SER B 269 -17.55 1.33 -0.75
N MSE B 270 -18.76 1.51 -1.25
CA MSE B 270 -19.21 0.85 -2.47
C MSE B 270 -19.89 1.84 -3.43
O MSE B 270 -20.44 2.87 -3.01
CB MSE B 270 -20.15 -0.29 -2.14
CG MSE B 270 -19.52 -1.35 -1.26
SE MSE B 270 -20.81 -2.63 -0.66
CE MSE B 270 -19.86 -3.34 0.71
N ALA B 271 -19.81 1.54 -4.72
CA ALA B 271 -20.44 2.35 -5.74
C ALA B 271 -21.15 1.50 -6.76
N ASN B 272 -22.29 1.99 -7.23
CA ASN B 272 -23.12 1.45 -8.30
C ASN B 272 -23.53 -0.03 -8.03
N VAL B 273 -23.92 -0.32 -6.79
CA VAL B 273 -24.54 -1.59 -6.40
C VAL B 273 -25.98 -1.47 -6.86
N LEU B 274 -26.47 -2.41 -7.65
CA LEU B 274 -27.81 -2.31 -8.19
C LEU B 274 -28.88 -2.36 -7.08
N LYS B 275 -29.84 -1.43 -7.16
CA LYS B 275 -30.98 -1.36 -6.24
C LYS B 275 -32.22 -1.12 -7.07
N GLY B 276 -33.05 -2.14 -7.17
CA GLY B 276 -34.28 -2.06 -7.95
C GLY B 276 -34.02 -2.29 -9.42
N PRO B 277 -35.03 -2.12 -10.29
CA PRO B 277 -34.82 -2.44 -11.71
C PRO B 277 -33.93 -1.43 -12.46
N SER B 278 -34.09 -0.12 -12.17
CA SER B 278 -33.35 0.91 -12.91
C SER B 278 -32.61 1.91 -11.97
N ASP B 279 -32.19 1.48 -10.76
CA ASP B 279 -31.42 2.37 -9.89
C ASP B 279 -30.23 1.63 -9.26
N VAL B 280 -29.33 2.42 -8.64
CA VAL B 280 -28.11 1.98 -7.98
C VAL B 280 -28.05 2.56 -6.57
N THR B 281 -27.13 2.05 -5.74
CA THR B 281 -26.90 2.54 -4.36
C THR B 281 -25.46 2.20 -3.97
N GLY B 282 -24.96 2.90 -2.96
CA GLY B 282 -23.61 2.67 -2.46
C GLY B 282 -23.41 3.00 -1.00
N ILE B 283 -22.14 2.94 -0.58
CA ILE B 283 -21.65 3.26 0.76
C ILE B 283 -20.48 4.23 0.60
N THR B 284 -20.33 5.12 1.57
CA THR B 284 -19.21 6.06 1.55
C THR B 284 -18.58 5.94 2.92
N GLY B 285 -17.38 5.37 2.95
CA GLY B 285 -16.58 5.13 4.15
C GLY B 285 -17.26 4.69 5.44
N LYS B 286 -17.90 3.48 5.46
CA LYS B 286 -18.45 2.97 6.72
C LYS B 286 -17.35 2.21 7.46
N VAL B 287 -17.11 2.59 8.72
CA VAL B 287 -16.10 1.95 9.54
C VAL B 287 -16.68 0.63 10.09
N ILE B 288 -15.85 -0.43 10.07
CA ILE B 288 -16.20 -1.76 10.59
C ILE B 288 -15.83 -1.72 12.05
N GLU B 289 -16.79 -1.31 12.88
CA GLU B 289 -16.56 -1.12 14.31
C GLU B 289 -16.93 -2.39 15.12
N SER B 290 -17.83 -3.27 14.58
CA SER B 290 -18.20 -4.50 15.28
C SER B 290 -18.25 -5.67 14.34
N VAL B 291 -17.92 -6.86 14.87
CA VAL B 291 -17.92 -8.13 14.15
C VAL B 291 -18.63 -9.18 15.01
N THR B 292 -19.40 -10.09 14.38
CA THR B 292 -20.03 -11.21 15.08
C THR B 292 -19.24 -12.50 14.77
N LYS B 293 -18.66 -13.15 15.79
CA LYS B 293 -17.92 -14.39 15.56
C LYS B 293 -18.92 -15.54 15.47
N VAL B 294 -19.17 -16.06 14.27
CA VAL B 294 -20.12 -17.16 14.06
C VAL B 294 -19.30 -18.47 13.85
N ASP B 295 -18.72 -18.93 14.97
CA ASP B 295 -17.91 -20.15 15.11
C ASP B 295 -18.50 -20.91 16.32
N GLY B 296 -19.60 -21.61 16.03
CA GLY B 296 -20.42 -22.32 16.99
C GLY B 296 -21.83 -21.80 16.87
N THR B 297 -22.83 -22.71 16.93
CA THR B 297 -24.27 -22.39 16.76
C THR B 297 -24.79 -21.46 17.89
N GLY B 298 -24.24 -21.62 19.11
CA GLY B 298 -24.61 -20.83 20.28
C GLY B 298 -23.62 -19.70 20.54
N SER B 299 -23.21 -19.00 19.48
CA SER B 299 -22.26 -17.89 19.54
C SER B 299 -22.74 -16.69 18.65
N PRO B 300 -24.01 -16.18 18.79
CA PRO B 300 -24.44 -15.09 17.89
C PRO B 300 -24.33 -13.70 18.56
N THR B 301 -23.15 -13.33 19.09
CA THR B 301 -23.00 -12.04 19.75
C THR B 301 -21.99 -11.16 19.03
N ALA B 302 -22.42 -9.91 18.73
CA ALA B 302 -21.58 -8.88 18.10
C ALA B 302 -20.67 -8.26 19.14
N GLN B 303 -19.38 -8.08 18.81
CA GLN B 303 -18.38 -7.55 19.72
C GLN B 303 -17.55 -6.44 19.06
N PRO B 304 -16.85 -5.56 19.81
CA PRO B 304 -16.01 -4.54 19.15
C PRO B 304 -14.90 -5.16 18.31
N PHE B 305 -14.64 -4.57 17.14
CA PHE B 305 -13.59 -5.06 16.24
C PHE B 305 -12.31 -4.39 16.70
N THR B 306 -11.45 -5.15 17.41
CA THR B 306 -10.22 -4.64 18.03
C THR B 306 -8.93 -5.24 17.46
N GLU B 307 -9.07 -6.38 16.76
CA GLU B 307 -7.94 -7.16 16.26
C GLU B 307 -8.30 -7.88 14.98
N ILE B 308 -7.40 -7.81 13.97
CA ILE B 308 -7.48 -8.62 12.74
C ILE B 308 -6.75 -9.86 13.12
N ARG B 309 -7.46 -10.98 13.12
CA ARG B 309 -6.92 -12.24 13.58
C ARG B 309 -6.65 -13.18 12.38
N ARG B 310 -5.46 -13.75 12.39
CA ARG B 310 -4.89 -14.73 11.48
C ARG B 310 -5.79 -15.93 11.31
N ASN B 311 -5.90 -16.47 10.06
CA ASN B 311 -6.69 -17.67 9.73
C ASN B 311 -8.24 -17.44 9.92
N ASN B 312 -8.65 -16.16 10.08
CA ASN B 312 -10.06 -15.74 10.14
C ASN B 312 -10.43 -15.03 8.85
N VAL B 313 -11.63 -15.34 8.31
CA VAL B 313 -12.23 -14.65 7.16
C VAL B 313 -13.19 -13.62 7.74
N TYR B 314 -13.03 -12.35 7.38
CA TYR B 314 -13.96 -11.30 7.82
C TYR B 314 -14.88 -11.09 6.66
N GLN B 315 -16.14 -11.48 6.85
CA GLN B 315 -17.09 -11.39 5.74
C GLN B 315 -18.02 -10.19 5.94
N VAL B 316 -17.85 -9.21 5.08
CA VAL B 316 -18.63 -7.98 5.05
C VAL B 316 -19.76 -8.21 4.07
N THR B 317 -21.01 -8.05 4.53
CA THR B 317 -22.17 -8.28 3.66
C THR B 317 -22.92 -6.98 3.45
N ALA B 318 -23.21 -6.67 2.19
CA ALA B 318 -23.97 -5.50 1.83
C ALA B 318 -25.43 -5.91 1.62
N ARG B 319 -26.26 -5.81 2.68
CA ARG B 319 -27.68 -6.17 2.63
C ARG B 319 -28.45 -5.03 1.96
N VAL B 320 -29.04 -5.31 0.77
CA VAL B 320 -29.76 -4.36 -0.09
C VAL B 320 -31.23 -4.42 0.26
N GLY B 321 -31.71 -3.36 0.89
CA GLY B 321 -33.11 -3.22 1.28
C GLY B 321 -33.88 -2.38 0.28
N LYS B 322 -34.98 -1.76 0.73
CA LYS B 322 -35.82 -0.94 -0.16
C LYS B 322 -35.17 0.43 -0.41
N ILE B 323 -34.61 1.00 0.63
CA ILE B 323 -34.08 2.34 0.75
C ILE B 323 -32.56 2.43 0.49
N GLY B 324 -31.79 1.40 0.81
CA GLY B 324 -30.35 1.37 0.60
C GLY B 324 -29.65 0.15 1.19
N ILE B 325 -28.32 0.23 1.42
CA ILE B 325 -27.47 -0.84 1.95
C ILE B 325 -27.28 -0.75 3.49
N GLN B 326 -27.22 -1.92 4.14
CA GLN B 326 -26.87 -2.13 5.55
C GLN B 326 -25.70 -3.11 5.57
N ILE B 327 -24.56 -2.64 6.06
CA ILE B 327 -23.34 -3.44 6.14
C ILE B 327 -23.33 -4.24 7.43
N LEU B 328 -23.18 -5.56 7.31
CA LEU B 328 -23.06 -6.42 8.47
C LEU B 328 -21.83 -7.30 8.30
N THR B 329 -21.04 -7.44 9.37
CA THR B 329 -19.77 -8.15 9.33
C THR B 329 -19.74 -9.31 10.32
N ILE B 330 -19.30 -10.48 9.81
CA ILE B 330 -19.13 -11.72 10.57
C ILE B 330 -17.69 -12.24 10.42
N SER B 331 -17.24 -13.00 11.42
CA SER B 331 -15.94 -13.67 11.50
C SER B 331 -16.17 -15.18 11.45
N VAL B 332 -15.62 -15.83 10.43
CA VAL B 332 -15.73 -17.28 10.21
C VAL B 332 -14.30 -17.84 9.99
N GLU B 333 -14.12 -19.16 10.19
CA GLU B 333 -12.82 -19.83 10.01
C GLU B 333 -12.93 -20.84 8.85
N ASP B 334 -13.95 -20.65 7.98
CA ASP B 334 -14.22 -21.46 6.80
C ASP B 334 -13.85 -20.64 5.55
N TRP B 335 -12.81 -21.09 4.82
CA TRP B 335 -12.25 -20.44 3.62
C TRP B 335 -12.79 -21.12 2.32
#